data_7XX4
#
_entry.id   7XX4
#
_cell.length_a   65.716
_cell.length_b   92.285
_cell.length_c   191.438
_cell.angle_alpha   90.000
_cell.angle_beta   90.000
_cell.angle_gamma   90.000
#
_symmetry.space_group_name_H-M   'P 2 21 21'
#
loop_
_entity.id
_entity.type
_entity.pdbx_description
1 polymer 'Oleandomycin glycosyltransferase'
2 non-polymer "URIDINE-5'-DIPHOSPHATE-GLUCOSE"
3 water water
#
_entity_poly.entity_id   1
_entity_poly.type   'polypeptide(L)'
_entity_poly.pdbx_seq_one_letter_code
;MTSEHRSASVTPAHIAMFSIAAHGHVNPSLEVIRELVARGHRVTYAIPPVFADKVAATGARPVLYHSTLPKPSNPEESWP
EDQESAMGLFLNDAIQALPQLADAYADDIPDLVLHDITSYPARVLARRWGVPAVSLSPNLVAWKGYEEEVAEPMWREPRQ
TERGRAYYARFEAWLKENGITEHPDTFASHPPRSLVLIPKALQPHADRVDEDVYTFVGACQGDRAEEGGWQRPAGAEKVV
LVSLGSAFTKQPAFYRECVRAFGNLPGWHLVLQIGRKVTPAELGELPPNVEVHQWVPQLDILTKASAFITHAGMGSTMEA
LSNAVPMIAVPQAVDQFGNADMLQGLGVARKLATEEATADLLRETALALVDDPEVARRLRRIQAEMAQEGGTRRAADLIE
AELPARHG
;
_entity_poly.pdbx_strand_id   A,B
#
loop_
_chem_comp.id
_chem_comp.type
_chem_comp.name
_chem_comp.formula
UPG non-polymer URIDINE-5'-DIPHOSPHATE-GLUCOSE 'C15 H24 N2 O17 P2'
#
# COMPACT_ATOMS: atom_id res chain seq x y z
N THR A 11 -17.83 7.85 17.98
CA THR A 11 -19.24 8.19 18.26
C THR A 11 -19.95 8.30 16.88
N PRO A 12 -21.16 8.88 16.80
CA PRO A 12 -21.77 9.13 15.47
C PRO A 12 -20.99 10.16 14.64
N ALA A 13 -20.52 9.71 13.49
CA ALA A 13 -19.62 10.42 12.58
C ALA A 13 -20.34 10.79 11.30
N HIS A 14 -19.67 11.61 10.49
CA HIS A 14 -20.17 11.94 9.16
C HIS A 14 -19.44 11.04 8.14
N ILE A 15 -20.20 10.16 7.51
CA ILE A 15 -19.73 9.26 6.47
C ILE A 15 -20.35 9.72 5.17
N ALA A 16 -19.53 9.93 4.15
CA ALA A 16 -20.03 10.36 2.85
C ALA A 16 -19.76 9.27 1.83
N MET A 17 -20.82 8.73 1.23
CA MET A 17 -20.69 7.75 0.16
C MET A 17 -20.81 8.40 -1.22
N PHE A 18 -20.02 7.88 -2.16
CA PHE A 18 -19.90 8.42 -3.50
C PHE A 18 -20.11 7.30 -4.51
N SER A 19 -21.05 7.52 -5.43
CA SER A 19 -21.19 6.59 -6.55
C SER A 19 -21.75 7.33 -7.77
N ILE A 20 -22.00 6.54 -8.81
CA ILE A 20 -22.58 7.02 -10.05
C ILE A 20 -24.02 6.50 -10.17
N ALA A 21 -24.74 7.00 -11.16
CA ALA A 21 -26.11 6.56 -11.41
C ALA A 21 -26.10 5.29 -12.29
N ALA A 22 -25.71 4.19 -11.64
CA ALA A 22 -25.71 2.88 -12.28
C ALA A 22 -26.14 1.85 -11.24
N HIS A 23 -27.23 1.13 -11.53
CA HIS A 23 -27.80 0.17 -10.59
C HIS A 23 -26.76 -0.82 -10.06
N GLY A 24 -25.89 -1.32 -10.96
CA GLY A 24 -24.86 -2.27 -10.54
C GLY A 24 -23.83 -1.67 -9.60
N HIS A 25 -23.73 -0.35 -9.52
CA HIS A 25 -22.77 0.30 -8.64
C HIS A 25 -23.42 0.95 -7.43
N VAL A 26 -24.73 0.83 -7.27
CA VAL A 26 -25.44 1.36 -6.12
C VAL A 26 -26.13 0.25 -5.33
N ASN A 27 -26.77 -0.69 -6.01
CA ASN A 27 -27.45 -1.79 -5.35
C ASN A 27 -26.57 -2.59 -4.38
N PRO A 28 -25.31 -2.93 -4.71
CA PRO A 28 -24.55 -3.81 -3.81
C PRO A 28 -24.26 -3.23 -2.44
N SER A 29 -24.32 -1.91 -2.26
CA SER A 29 -23.94 -1.30 -0.99
C SER A 29 -25.11 -0.62 -0.28
N LEU A 30 -26.31 -0.66 -0.85
CA LEU A 30 -27.45 0.01 -0.24
C LEU A 30 -27.68 -0.47 1.19
N GLU A 31 -27.63 -1.80 1.41
CA GLU A 31 -27.88 -2.32 2.75
C GLU A 31 -26.82 -1.86 3.73
N VAL A 32 -25.57 -1.74 3.28
CA VAL A 32 -24.52 -1.24 4.15
C VAL A 32 -24.79 0.21 4.54
N ILE A 33 -25.15 1.05 3.57
CA ILE A 33 -25.48 2.43 3.87
C ILE A 33 -26.64 2.51 4.85
N ARG A 34 -27.69 1.70 4.61
CA ARG A 34 -28.85 1.63 5.49
C ARG A 34 -28.45 1.24 6.90
N GLU A 35 -27.55 0.28 7.03
CA GLU A 35 -27.07 -0.14 8.34
C GLU A 35 -26.31 0.98 9.03
N LEU A 36 -25.46 1.70 8.28
CA LEU A 36 -24.74 2.80 8.89
C LEU A 36 -25.68 3.89 9.39
N VAL A 37 -26.74 4.19 8.63
CA VAL A 37 -27.74 5.15 9.11
C VAL A 37 -28.40 4.64 10.37
N ALA A 38 -28.81 3.37 10.34
CA ALA A 38 -29.51 2.77 11.46
C ALA A 38 -28.68 2.80 12.73
N ARG A 39 -27.35 2.68 12.60
CA ARG A 39 -26.48 2.74 13.77
C ARG A 39 -26.22 4.16 14.22
N GLY A 40 -26.83 5.17 13.60
CA GLY A 40 -26.76 6.51 14.10
C GLY A 40 -25.77 7.42 13.41
N HIS A 41 -25.00 6.92 12.45
CA HIS A 41 -24.10 7.80 11.73
C HIS A 41 -24.89 8.72 10.81
N ARG A 42 -24.38 9.93 10.63
CA ARG A 42 -24.95 10.87 9.68
C ARG A 42 -24.21 10.65 8.36
N VAL A 43 -24.90 10.13 7.36
CA VAL A 43 -24.29 9.74 6.10
C VAL A 43 -24.95 10.54 4.97
N THR A 44 -24.11 11.12 4.12
CA THR A 44 -24.50 11.79 2.88
C THR A 44 -24.14 10.88 1.72
N TYR A 45 -24.95 10.94 0.66
CA TYR A 45 -24.74 10.06 -0.51
C TYR A 45 -24.63 10.94 -1.74
N ALA A 46 -23.41 11.15 -2.21
CA ALA A 46 -23.19 11.92 -3.42
C ALA A 46 -23.62 11.08 -4.63
N ILE A 47 -24.56 11.61 -5.40
CA ILE A 47 -25.25 10.83 -6.41
C ILE A 47 -25.80 11.77 -7.49
N PRO A 48 -25.85 11.35 -8.76
CA PRO A 48 -26.52 12.19 -9.76
C PRO A 48 -28.00 12.23 -9.53
N PRO A 49 -28.69 13.30 -10.00
CA PRO A 49 -30.11 13.50 -9.65
C PRO A 49 -31.04 12.34 -9.95
N VAL A 50 -30.88 11.63 -11.08
CA VAL A 50 -31.83 10.56 -11.42
C VAL A 50 -31.90 9.49 -10.34
N PHE A 51 -30.87 9.35 -9.50
CA PHE A 51 -30.85 8.32 -8.48
C PHE A 51 -31.14 8.88 -7.08
N ALA A 52 -31.47 10.16 -6.96
CA ALA A 52 -31.67 10.74 -5.64
C ALA A 52 -32.65 9.92 -4.82
N ASP A 53 -33.84 9.67 -5.38
CA ASP A 53 -34.85 8.89 -4.67
C ASP A 53 -34.32 7.52 -4.29
N LYS A 54 -33.68 6.83 -5.25
CA LYS A 54 -33.23 5.47 -4.99
C LYS A 54 -32.30 5.44 -3.79
N VAL A 55 -31.46 6.46 -3.63
CA VAL A 55 -30.51 6.42 -2.51
C VAL A 55 -31.13 7.01 -1.25
N ALA A 56 -32.07 7.93 -1.38
CA ALA A 56 -32.72 8.51 -0.19
C ALA A 56 -33.47 7.44 0.58
N ALA A 57 -33.80 6.33 -0.06
CA ALA A 57 -34.49 5.22 0.60
C ALA A 57 -33.66 4.59 1.70
N THR A 58 -32.36 4.92 1.80
CA THR A 58 -31.55 4.33 2.86
C THR A 58 -31.47 5.22 4.09
N GLY A 59 -32.08 6.40 4.06
CA GLY A 59 -31.98 7.32 5.15
C GLY A 59 -30.84 8.30 5.02
N ALA A 60 -29.95 8.09 4.05
CA ALA A 60 -28.88 9.03 3.80
C ALA A 60 -29.42 10.23 3.05
N ARG A 61 -28.76 11.38 3.24
CA ARG A 61 -29.21 12.55 2.50
C ARG A 61 -28.48 12.64 1.17
N PRO A 62 -29.19 12.73 0.06
CA PRO A 62 -28.52 12.83 -1.25
C PRO A 62 -27.87 14.19 -1.43
N VAL A 63 -26.60 14.16 -1.85
CA VAL A 63 -25.88 15.35 -2.32
C VAL A 63 -25.72 15.24 -3.82
N LEU A 64 -26.34 16.14 -4.56
CA LEU A 64 -26.47 15.95 -5.99
C LEU A 64 -25.33 16.58 -6.75
N TYR A 65 -24.99 15.97 -7.88
CA TYR A 65 -23.99 16.46 -8.81
C TYR A 65 -24.32 15.92 -10.19
N HIS A 66 -23.94 16.66 -11.22
CA HIS A 66 -24.22 16.26 -12.60
C HIS A 66 -23.15 15.31 -13.11
N SER A 67 -23.59 14.16 -13.63
CA SER A 67 -22.70 13.16 -14.20
C SER A 67 -22.87 13.11 -15.71
N THR A 68 -21.76 12.89 -16.42
CA THR A 68 -21.80 12.79 -17.88
C THR A 68 -21.92 11.34 -18.38
N LEU A 69 -22.04 10.36 -17.50
CA LEU A 69 -22.05 8.96 -17.90
C LEU A 69 -23.44 8.55 -18.35
N PRO A 70 -23.55 7.49 -19.17
CA PRO A 70 -24.86 7.12 -19.70
C PRO A 70 -25.85 6.79 -18.59
N LYS A 71 -27.02 7.40 -18.65
CA LYS A 71 -27.95 7.09 -17.56
C LYS A 71 -28.88 5.95 -17.96
N PRO A 72 -29.30 5.09 -17.03
CA PRO A 72 -30.05 3.88 -17.43
C PRO A 72 -31.47 4.18 -17.90
N SER A 73 -32.02 5.32 -17.52
CA SER A 73 -33.38 5.70 -17.89
C SER A 73 -33.49 6.12 -19.35
N ASN A 74 -32.38 6.51 -19.99
CA ASN A 74 -32.45 7.09 -21.32
C ASN A 74 -32.04 6.10 -22.40
N PRO A 75 -32.97 5.70 -23.28
CA PRO A 75 -32.60 4.78 -24.37
C PRO A 75 -31.64 5.40 -25.35
N GLU A 76 -31.64 6.74 -25.50
CA GLU A 76 -30.75 7.36 -26.48
C GLU A 76 -29.28 7.17 -26.07
N GLU A 77 -29.01 6.79 -24.84
CA GLU A 77 -27.65 6.60 -24.34
C GLU A 77 -27.32 5.12 -24.17
N SER A 78 -26.03 4.81 -24.18
CA SER A 78 -25.56 3.45 -23.94
C SER A 78 -24.08 3.49 -23.55
N TRP A 79 -23.66 2.48 -22.81
CA TRP A 79 -22.25 2.36 -22.44
C TRP A 79 -21.48 1.73 -23.59
N PRO A 80 -20.18 2.02 -23.70
CA PRO A 80 -19.37 1.35 -24.71
C PRO A 80 -19.14 -0.10 -24.33
N GLU A 81 -18.72 -0.88 -25.31
CA GLU A 81 -18.48 -2.30 -25.09
C GLU A 81 -17.04 -2.60 -24.73
N ASP A 82 -16.10 -1.71 -25.07
CA ASP A 82 -14.68 -1.92 -24.83
C ASP A 82 -14.26 -1.27 -23.50
N GLN A 83 -13.20 -1.80 -22.90
CA GLN A 83 -12.73 -1.29 -21.62
C GLN A 83 -12.14 0.12 -21.74
N GLU A 84 -11.40 0.38 -22.82
CA GLU A 84 -10.67 1.64 -22.93
C GLU A 84 -11.61 2.83 -23.06
N SER A 85 -12.74 2.64 -23.76
CA SER A 85 -13.72 3.74 -23.87
C SER A 85 -14.41 3.99 -22.54
N ALA A 86 -14.62 2.94 -21.75
CA ALA A 86 -15.25 3.09 -20.45
C ALA A 86 -14.35 3.88 -19.50
N MET A 87 -13.06 3.54 -19.48
CA MET A 87 -12.13 4.28 -18.63
C MET A 87 -12.00 5.73 -19.09
N GLY A 88 -12.08 5.96 -20.40
CA GLY A 88 -12.19 7.34 -20.89
C GLY A 88 -13.38 8.05 -20.28
N LEU A 89 -14.55 7.39 -20.28
CA LEU A 89 -15.75 7.99 -19.70
C LEU A 89 -15.55 8.33 -18.23
N PHE A 90 -14.90 7.43 -17.48
CA PHE A 90 -14.73 7.67 -16.04
C PHE A 90 -13.80 8.85 -15.78
N LEU A 91 -12.72 8.97 -16.56
CA LEU A 91 -11.85 10.13 -16.39
C LEU A 91 -12.59 11.44 -16.70
N ASN A 92 -13.29 11.48 -17.84
CA ASN A 92 -13.99 12.72 -18.20
C ASN A 92 -14.99 13.10 -17.11
N ASP A 93 -15.83 12.14 -16.71
CA ASP A 93 -16.83 12.41 -15.69
C ASP A 93 -16.16 12.90 -14.41
N ALA A 94 -15.05 12.28 -14.02
CA ALA A 94 -14.38 12.70 -12.79
C ALA A 94 -13.91 14.14 -12.90
N ILE A 95 -13.33 14.51 -14.05
CA ILE A 95 -12.77 15.85 -14.15
C ILE A 95 -13.86 16.89 -14.00
N GLN A 96 -15.02 16.68 -14.65
CA GLN A 96 -16.07 17.69 -14.48
C GLN A 96 -16.86 17.54 -13.17
N ALA A 97 -16.77 16.40 -12.49
CA ALA A 97 -17.58 16.18 -11.28
C ALA A 97 -16.86 16.63 -10.03
N LEU A 98 -15.53 16.54 -10.01
CA LEU A 98 -14.72 16.92 -8.86
C LEU A 98 -15.00 18.33 -8.35
N PRO A 99 -14.95 19.39 -9.16
CA PRO A 99 -15.24 20.73 -8.61
C PRO A 99 -16.64 20.85 -8.05
N GLN A 100 -17.65 20.19 -8.66
CA GLN A 100 -18.98 20.26 -8.08
C GLN A 100 -19.01 19.62 -6.69
N LEU A 101 -18.33 18.49 -6.52
CA LEU A 101 -18.39 17.80 -5.25
C LEU A 101 -17.57 18.52 -4.20
N ALA A 102 -16.42 19.08 -4.60
CA ALA A 102 -15.64 19.92 -3.72
C ALA A 102 -16.48 21.08 -3.19
N ASP A 103 -17.23 21.75 -4.08
CA ASP A 103 -18.09 22.83 -3.60
C ASP A 103 -19.21 22.32 -2.70
N ALA A 104 -19.87 21.22 -3.09
CA ALA A 104 -21.02 20.76 -2.32
C ALA A 104 -20.65 20.42 -0.88
N TYR A 105 -19.43 19.92 -0.65
CA TYR A 105 -18.98 19.49 0.66
C TYR A 105 -18.08 20.50 1.35
N ALA A 106 -18.04 21.75 0.87
CA ALA A 106 -17.02 22.69 1.33
C ALA A 106 -17.20 23.09 2.80
N ASP A 107 -18.43 23.11 3.31
CA ASP A 107 -18.67 23.45 4.70
C ASP A 107 -18.95 22.23 5.56
N ASP A 108 -18.92 21.04 4.98
CA ASP A 108 -19.18 19.79 5.72
C ASP A 108 -18.27 18.72 5.11
N ILE A 109 -17.14 18.45 5.74
CA ILE A 109 -16.18 17.46 5.26
C ILE A 109 -16.30 16.23 6.13
N PRO A 110 -16.59 15.07 5.55
CA PRO A 110 -16.96 13.92 6.36
C PRO A 110 -15.76 13.45 7.16
N ASP A 111 -16.07 12.67 8.18
CA ASP A 111 -15.03 11.96 8.91
C ASP A 111 -14.53 10.78 8.10
N LEU A 112 -15.36 10.21 7.23
CA LEU A 112 -14.82 9.15 6.38
C LEU A 112 -15.53 9.15 5.03
N VAL A 113 -14.80 8.73 4.01
CA VAL A 113 -15.29 8.68 2.64
C VAL A 113 -15.44 7.23 2.23
N LEU A 114 -16.65 6.85 1.82
CA LEU A 114 -16.92 5.57 1.19
C LEU A 114 -17.17 5.82 -0.30
N HIS A 115 -16.68 4.94 -1.16
CA HIS A 115 -16.94 5.21 -2.56
C HIS A 115 -16.89 3.94 -3.38
N ASP A 116 -17.79 3.85 -4.36
CA ASP A 116 -17.68 2.89 -5.44
C ASP A 116 -16.38 3.10 -6.23
N ILE A 117 -15.93 2.03 -6.90
CA ILE A 117 -14.67 2.07 -7.64
C ILE A 117 -14.68 3.08 -8.78
N THR A 118 -15.86 3.46 -9.28
CA THR A 118 -15.90 4.38 -10.41
C THR A 118 -15.69 5.85 -10.01
N SER A 119 -15.75 6.19 -8.73
CA SER A 119 -15.76 7.60 -8.32
C SER A 119 -14.34 8.06 -7.99
N TYR A 120 -13.60 8.42 -9.03
CA TYR A 120 -12.31 9.08 -8.85
C TYR A 120 -12.38 10.35 -8.00
N PRO A 121 -13.40 11.22 -8.16
CA PRO A 121 -13.44 12.42 -7.29
C PRO A 121 -13.40 12.08 -5.81
N ALA A 122 -13.97 10.94 -5.40
CA ALA A 122 -13.97 10.62 -3.97
C ALA A 122 -12.56 10.31 -3.47
N ARG A 123 -11.74 9.67 -4.30
CA ARG A 123 -10.36 9.46 -3.88
C ARG A 123 -9.62 10.78 -3.80
N VAL A 124 -9.88 11.69 -4.76
CA VAL A 124 -9.15 12.96 -4.73
C VAL A 124 -9.59 13.80 -3.53
N LEU A 125 -10.89 13.90 -3.29
CA LEU A 125 -11.38 14.68 -2.16
C LEU A 125 -10.93 14.08 -0.84
N ALA A 126 -10.91 12.75 -0.75
CA ALA A 126 -10.38 12.12 0.46
C ALA A 126 -8.96 12.57 0.73
N ARG A 127 -8.10 12.54 -0.29
CA ARG A 127 -6.70 12.91 -0.06
C ARG A 127 -6.55 14.40 0.25
N ARG A 128 -7.28 15.26 -0.46
CA ARG A 128 -7.19 16.69 -0.21
C ARG A 128 -7.75 17.07 1.15
N TRP A 129 -8.70 16.29 1.67
CA TRP A 129 -9.28 16.53 2.97
C TRP A 129 -8.49 15.91 4.11
N GLY A 130 -7.65 14.92 3.85
CA GLY A 130 -6.96 14.24 4.92
C GLY A 130 -7.80 13.23 5.68
N VAL A 131 -8.87 12.72 5.08
CA VAL A 131 -9.73 11.77 5.78
C VAL A 131 -9.57 10.39 5.17
N PRO A 132 -9.90 9.33 5.89
CA PRO A 132 -9.80 7.98 5.31
C PRO A 132 -10.79 7.76 4.18
N ALA A 133 -10.40 6.89 3.25
CA ALA A 133 -11.22 6.50 2.13
C ALA A 133 -11.31 4.98 2.11
N VAL A 134 -12.53 4.46 1.98
CA VAL A 134 -12.76 3.03 1.82
C VAL A 134 -13.41 2.83 0.46
N SER A 135 -12.76 2.05 -0.39
CA SER A 135 -13.34 1.63 -1.65
C SER A 135 -14.26 0.44 -1.41
N LEU A 136 -15.48 0.50 -1.98
CA LEU A 136 -16.41 -0.62 -1.95
C LEU A 136 -16.52 -1.16 -3.35
N SER A 137 -16.03 -2.39 -3.55
CA SER A 137 -15.91 -2.95 -4.89
C SER A 137 -17.06 -3.89 -5.19
N PRO A 138 -17.90 -3.57 -6.15
CA PRO A 138 -18.93 -4.52 -6.59
C PRO A 138 -18.40 -5.43 -7.68
N ASN A 139 -17.08 -5.58 -7.76
CA ASN A 139 -16.49 -6.45 -8.75
C ASN A 139 -15.13 -6.92 -8.24
N LEU A 140 -14.47 -7.76 -9.04
CA LEU A 140 -13.24 -8.37 -8.56
C LEU A 140 -12.12 -7.34 -8.51
N VAL A 141 -11.12 -7.64 -7.69
CA VAL A 141 -10.06 -6.69 -7.37
C VAL A 141 -8.73 -7.26 -7.82
N ALA A 142 -7.72 -6.41 -7.79
CA ALA A 142 -6.37 -6.81 -8.16
C ALA A 142 -5.80 -7.77 -7.12
N TRP A 143 -5.30 -8.89 -7.61
CA TRP A 143 -4.43 -9.68 -6.78
C TRP A 143 -2.99 -9.17 -6.88
N LYS A 144 -2.15 -9.74 -6.04
CA LYS A 144 -0.70 -9.59 -6.06
C LYS A 144 -0.16 -10.24 -7.31
N GLY A 145 0.53 -9.48 -8.14
CA GLY A 145 0.87 -9.99 -9.45
C GLY A 145 -0.07 -9.60 -10.57
N TYR A 146 -1.10 -8.80 -10.26
CA TYR A 146 -2.00 -8.30 -11.30
C TYR A 146 -1.26 -7.42 -12.29
N GLU A 147 -0.34 -6.59 -11.80
CA GLU A 147 0.34 -5.63 -12.66
C GLU A 147 1.12 -6.32 -13.75
N GLU A 148 1.79 -7.43 -13.42
CA GLU A 148 2.63 -8.12 -14.39
C GLU A 148 1.85 -9.12 -15.22
N GLU A 149 0.72 -9.63 -14.72
CA GLU A 149 -0.02 -10.66 -15.44
C GLU A 149 -1.06 -10.10 -16.40
N VAL A 150 -1.75 -9.00 -16.04
CA VAL A 150 -2.80 -8.44 -16.88
C VAL A 150 -2.55 -6.97 -17.23
N ALA A 151 -2.19 -6.16 -16.22
CA ALA A 151 -2.15 -4.72 -16.43
C ALA A 151 -1.12 -4.33 -17.49
N GLU A 152 0.10 -4.88 -17.39
CA GLU A 152 1.10 -4.55 -18.39
C GLU A 152 0.82 -5.23 -19.73
N PRO A 153 0.57 -6.53 -19.80
CA PRO A 153 0.33 -7.13 -21.13
C PRO A 153 -0.95 -6.67 -21.81
N MET A 154 -2.04 -6.49 -21.05
CA MET A 154 -3.36 -6.28 -21.64
C MET A 154 -3.86 -4.84 -21.60
N TRP A 155 -3.36 -4.01 -20.68
CA TRP A 155 -3.80 -2.62 -20.59
C TRP A 155 -2.76 -1.65 -21.14
N ARG A 156 -1.52 -1.69 -20.62
CA ARG A 156 -0.52 -0.70 -20.99
C ARG A 156 0.15 -1.01 -22.33
N GLU A 157 0.69 -2.22 -22.48
CA GLU A 157 1.42 -2.54 -23.71
C GLU A 157 0.59 -2.51 -24.98
N PRO A 158 -0.70 -2.89 -25.00
CA PRO A 158 -1.47 -2.74 -26.22
C PRO A 158 -1.88 -1.31 -26.53
N ARG A 159 -1.62 -0.36 -25.63
CA ARG A 159 -2.00 1.03 -25.85
C ARG A 159 -0.75 1.90 -25.75
N GLN A 160 0.09 1.83 -26.77
CA GLN A 160 1.14 2.81 -26.88
C GLN A 160 0.79 3.58 -28.14
N THR A 161 -0.39 4.18 -28.09
CA THR A 161 -1.07 4.88 -29.16
C THR A 161 -1.12 6.35 -28.78
N GLU A 162 -1.48 7.18 -29.75
CA GLU A 162 -1.73 8.57 -29.38
C GLU A 162 -2.95 8.69 -28.47
N ARG A 163 -3.94 7.81 -28.61
CA ARG A 163 -5.08 7.84 -27.69
C ARG A 163 -4.65 7.42 -26.27
N GLY A 164 -3.85 6.36 -26.17
CA GLY A 164 -3.29 6.01 -24.87
C GLY A 164 -2.47 7.12 -24.25
N ARG A 165 -1.54 7.70 -25.02
CA ARG A 165 -0.67 8.73 -24.47
C ARG A 165 -1.45 9.97 -24.06
N ALA A 166 -2.51 10.29 -24.81
CA ALA A 166 -3.39 11.40 -24.43
C ALA A 166 -4.11 11.10 -23.13
N TYR A 167 -4.63 9.87 -23.01
CA TYR A 167 -5.30 9.46 -21.78
C TYR A 167 -4.38 9.65 -20.58
N TYR A 168 -3.14 9.17 -20.67
CA TYR A 168 -2.25 9.29 -19.53
C TYR A 168 -1.85 10.74 -19.27
N ALA A 169 -1.64 11.52 -20.33
CA ALA A 169 -1.23 12.90 -20.12
C ALA A 169 -2.32 13.70 -19.42
N ARG A 170 -3.59 13.49 -19.79
CA ARG A 170 -4.68 14.20 -19.12
C ARG A 170 -4.88 13.66 -17.70
N PHE A 171 -4.80 12.35 -17.52
CA PHE A 171 -5.00 11.78 -16.20
C PHE A 171 -3.95 12.28 -15.22
N GLU A 172 -2.68 12.27 -15.63
CA GLU A 172 -1.63 12.68 -14.71
C GLU A 172 -1.59 14.20 -14.54
N ALA A 173 -2.01 14.96 -15.55
CA ALA A 173 -2.15 16.40 -15.34
C ALA A 173 -3.25 16.69 -14.33
N TRP A 174 -4.35 15.94 -14.39
CA TRP A 174 -5.44 16.14 -13.43
C TRP A 174 -5.03 15.75 -12.02
N LEU A 175 -4.39 14.59 -11.88
CA LEU A 175 -3.90 14.15 -10.58
C LEU A 175 -2.89 15.14 -10.01
N LYS A 176 -1.91 15.57 -10.81
CA LYS A 176 -0.88 16.46 -10.30
C LYS A 176 -1.44 17.85 -10.00
N GLU A 177 -2.41 18.28 -10.80
CA GLU A 177 -3.23 19.45 -10.48
C GLU A 177 -3.84 19.34 -9.08
N ASN A 178 -4.23 18.13 -8.68
CA ASN A 178 -4.81 17.94 -7.35
C ASN A 178 -3.81 17.39 -6.34
N GLY A 179 -2.52 17.62 -6.56
CA GLY A 179 -1.53 17.25 -5.57
C GLY A 179 -1.18 15.78 -5.51
N ILE A 180 -1.70 14.97 -6.43
CA ILE A 180 -1.48 13.53 -6.43
C ILE A 180 -0.41 13.17 -7.46
N THR A 181 0.54 12.33 -7.05
CA THR A 181 1.68 11.94 -7.87
C THR A 181 1.61 10.48 -8.33
N GLU A 182 0.64 9.71 -7.85
CA GLU A 182 0.52 8.32 -8.26
C GLU A 182 0.43 8.20 -9.77
N HIS A 183 0.87 7.06 -10.29
CA HIS A 183 0.58 6.72 -11.66
C HIS A 183 -0.94 6.63 -11.82
N PRO A 184 -1.49 7.05 -12.95
CA PRO A 184 -2.95 6.94 -13.13
C PRO A 184 -3.48 5.53 -12.93
N ASP A 185 -2.70 4.50 -13.29
CA ASP A 185 -3.21 3.15 -13.18
C ASP A 185 -3.23 2.66 -11.73
N THR A 186 -2.23 3.01 -10.92
CA THR A 186 -2.30 2.61 -9.52
C THR A 186 -3.40 3.39 -8.80
N PHE A 187 -3.55 4.67 -9.14
CA PHE A 187 -4.64 5.45 -8.59
C PHE A 187 -5.99 4.82 -8.90
N ALA A 188 -6.16 4.29 -10.11
CA ALA A 188 -7.47 3.77 -10.51
C ALA A 188 -7.71 2.35 -10.01
N SER A 189 -6.68 1.51 -9.99
CA SER A 189 -6.86 0.08 -9.77
C SER A 189 -6.39 -0.41 -8.41
N HIS A 190 -5.80 0.45 -7.57
CA HIS A 190 -5.17 0.00 -6.33
C HIS A 190 -5.51 0.93 -5.19
N PRO A 191 -6.68 0.74 -4.56
CA PRO A 191 -7.05 1.58 -3.44
C PRO A 191 -6.24 1.20 -2.21
N PRO A 192 -6.07 2.12 -1.25
CA PRO A 192 -5.39 1.75 -0.01
C PRO A 192 -6.22 0.84 0.90
N ARG A 193 -7.55 0.96 0.89
CA ARG A 193 -8.39 0.10 1.71
C ARG A 193 -9.70 -0.14 0.99
N SER A 194 -10.09 -1.41 0.90
CA SER A 194 -11.24 -1.79 0.10
C SER A 194 -12.01 -2.93 0.73
N LEU A 195 -13.33 -2.83 0.68
CA LEU A 195 -14.22 -3.93 1.02
C LEU A 195 -14.75 -4.48 -0.30
N VAL A 196 -14.59 -5.79 -0.50
CA VAL A 196 -14.95 -6.44 -1.74
C VAL A 196 -16.29 -7.12 -1.53
N LEU A 197 -17.30 -6.68 -2.28
CA LEU A 197 -18.69 -7.09 -2.09
C LEU A 197 -19.11 -8.28 -2.95
N ILE A 198 -18.16 -9.08 -3.41
CA ILE A 198 -18.48 -10.22 -4.28
C ILE A 198 -18.05 -11.49 -3.55
N PRO A 199 -18.58 -12.64 -3.93
CA PRO A 199 -18.17 -13.88 -3.26
C PRO A 199 -16.72 -14.19 -3.59
N LYS A 200 -15.96 -14.57 -2.55
CA LYS A 200 -14.57 -14.96 -2.78
C LYS A 200 -14.49 -16.02 -3.86
N ALA A 201 -15.46 -16.93 -3.91
CA ALA A 201 -15.55 -18.00 -4.87
C ALA A 201 -15.46 -17.51 -6.31
N LEU A 202 -15.59 -16.20 -6.50
CA LEU A 202 -15.64 -15.65 -7.84
C LEU A 202 -14.59 -14.57 -8.06
N GLN A 203 -13.63 -14.45 -7.15
CA GLN A 203 -12.45 -13.62 -7.34
C GLN A 203 -11.33 -14.48 -7.91
N PRO A 204 -10.90 -14.25 -9.14
CA PRO A 204 -9.73 -14.98 -9.65
C PRO A 204 -8.50 -14.72 -8.78
N HIS A 205 -7.77 -15.80 -8.48
CA HIS A 205 -6.55 -15.70 -7.66
C HIS A 205 -6.84 -15.04 -6.31
N ALA A 206 -7.98 -15.40 -5.71
CA ALA A 206 -8.30 -14.88 -4.38
C ALA A 206 -7.19 -15.19 -3.39
N ASP A 207 -6.50 -16.31 -3.58
CA ASP A 207 -5.37 -16.71 -2.74
C ASP A 207 -4.30 -15.63 -2.66
N ARG A 208 -4.17 -14.82 -3.72
CA ARG A 208 -3.09 -13.84 -3.82
C ARG A 208 -3.57 -12.40 -3.63
N VAL A 209 -4.75 -12.20 -3.05
CA VAL A 209 -5.27 -10.86 -2.84
C VAL A 209 -4.80 -10.36 -1.48
N ASP A 210 -4.14 -9.20 -1.48
CA ASP A 210 -3.63 -8.59 -0.25
C ASP A 210 -4.73 -8.41 0.78
N GLU A 211 -4.68 -9.18 1.85
CA GLU A 211 -5.75 -9.11 2.85
C GLU A 211 -5.60 -7.92 3.78
N ASP A 212 -4.45 -7.27 3.81
CA ASP A 212 -4.37 -6.03 4.56
C ASP A 212 -5.01 -4.86 3.81
N VAL A 213 -5.22 -4.99 2.50
CA VAL A 213 -5.92 -3.99 1.72
C VAL A 213 -7.39 -4.35 1.55
N TYR A 214 -7.66 -5.55 1.05
CA TYR A 214 -9.01 -5.97 0.68
C TYR A 214 -9.57 -6.91 1.73
N THR A 215 -10.84 -6.73 2.05
CA THR A 215 -11.56 -7.64 2.93
C THR A 215 -12.82 -8.04 2.20
N PHE A 216 -12.96 -9.34 1.92
CA PHE A 216 -14.19 -9.82 1.35
C PHE A 216 -15.27 -9.81 2.42
N VAL A 217 -16.39 -9.18 2.11
CA VAL A 217 -17.57 -9.25 2.95
C VAL A 217 -18.70 -9.93 2.24
N GLY A 218 -18.46 -10.42 1.02
CA GLY A 218 -19.47 -11.15 0.30
C GLY A 218 -20.61 -10.19 0.08
N ALA A 219 -21.80 -10.59 0.49
CA ALA A 219 -22.95 -9.73 0.31
C ALA A 219 -23.90 -9.96 1.47
N CYS A 220 -24.86 -9.06 1.58
CA CYS A 220 -26.10 -9.30 2.29
C CYS A 220 -27.13 -8.40 1.63
N GLN A 221 -28.18 -9.03 1.11
CA GLN A 221 -29.21 -8.34 0.37
C GLN A 221 -30.51 -8.46 1.15
N GLY A 222 -31.23 -7.35 1.24
CA GLY A 222 -32.53 -7.32 1.84
C GLY A 222 -33.54 -6.92 0.79
N ASP A 223 -34.82 -7.10 1.12
CA ASP A 223 -35.87 -6.67 0.22
C ASP A 223 -35.64 -5.23 -0.21
N ARG A 224 -35.51 -5.01 -1.52
CA ARG A 224 -35.58 -3.65 -2.03
C ARG A 224 -37.07 -3.36 -2.15
N ALA A 225 -37.68 -3.13 -0.98
CA ALA A 225 -39.14 -2.98 -0.92
C ALA A 225 -39.62 -1.84 -1.80
N GLU A 226 -38.78 -0.81 -1.96
CA GLU A 226 -39.07 0.29 -2.87
C GLU A 226 -39.43 -0.22 -4.26
N GLU A 227 -38.79 -1.30 -4.70
CA GLU A 227 -39.04 -1.84 -6.02
C GLU A 227 -40.36 -2.60 -6.12
N GLY A 228 -41.00 -2.89 -4.99
CA GLY A 228 -42.23 -3.65 -5.02
C GLY A 228 -41.94 -5.14 -5.14
N GLY A 229 -43.01 -5.90 -5.32
CA GLY A 229 -42.93 -7.34 -5.35
C GLY A 229 -43.45 -7.91 -6.66
N TRP A 230 -43.28 -9.22 -6.80
CA TRP A 230 -43.81 -9.97 -7.93
C TRP A 230 -44.45 -11.23 -7.37
N GLN A 231 -45.68 -11.50 -7.78
CA GLN A 231 -46.42 -12.65 -7.26
C GLN A 231 -46.33 -13.79 -8.25
N ARG A 232 -46.00 -14.98 -7.76
CA ARG A 232 -45.97 -16.15 -8.60
C ARG A 232 -47.38 -16.47 -9.08
N PRO A 233 -47.62 -16.53 -10.38
CA PRO A 233 -48.97 -16.85 -10.85
C PRO A 233 -49.31 -18.31 -10.53
N ALA A 234 -50.60 -18.60 -10.53
CA ALA A 234 -51.06 -19.95 -10.21
C ALA A 234 -50.50 -20.96 -11.20
N GLY A 235 -50.07 -22.11 -10.67
CA GLY A 235 -49.49 -23.15 -11.50
C GLY A 235 -48.04 -22.96 -11.88
N ALA A 236 -47.47 -21.77 -11.67
CA ALA A 236 -46.09 -21.51 -12.07
C ALA A 236 -45.12 -22.27 -11.18
N GLU A 237 -44.82 -23.52 -11.54
CA GLU A 237 -43.92 -24.33 -10.71
C GLU A 237 -42.47 -23.90 -10.88
N LYS A 238 -42.06 -23.62 -12.12
CA LYS A 238 -40.69 -23.25 -12.43
C LYS A 238 -40.70 -21.86 -13.07
N VAL A 239 -40.26 -20.86 -12.32
CA VAL A 239 -40.15 -19.52 -12.86
C VAL A 239 -38.74 -19.35 -13.41
N VAL A 240 -38.66 -18.89 -14.64
CA VAL A 240 -37.39 -18.55 -15.27
C VAL A 240 -37.44 -17.05 -15.54
N LEU A 241 -36.40 -16.35 -15.09
CA LEU A 241 -36.25 -14.93 -15.34
C LEU A 241 -35.20 -14.76 -16.43
N VAL A 242 -35.51 -13.95 -17.43
CA VAL A 242 -34.54 -13.55 -18.44
C VAL A 242 -34.24 -12.08 -18.25
N SER A 243 -32.96 -11.74 -18.10
CA SER A 243 -32.59 -10.32 -18.02
C SER A 243 -31.14 -10.16 -18.45
N LEU A 244 -30.90 -9.23 -19.36
CA LEU A 244 -29.56 -8.84 -19.76
C LEU A 244 -29.07 -7.59 -19.02
N GLY A 245 -29.74 -7.23 -17.92
CA GLY A 245 -29.29 -6.14 -17.08
C GLY A 245 -29.99 -4.82 -17.36
N SER A 246 -29.30 -3.72 -17.06
CA SER A 246 -29.78 -2.37 -17.37
C SER A 246 -29.18 -1.79 -18.65
N ALA A 247 -27.92 -2.09 -18.96
CA ALA A 247 -27.25 -1.47 -20.10
C ALA A 247 -27.40 -2.24 -21.42
N PHE A 248 -26.85 -3.45 -21.50
CA PHE A 248 -26.69 -4.13 -22.79
C PHE A 248 -27.88 -5.06 -23.05
N THR A 249 -29.02 -4.45 -23.40
CA THR A 249 -30.31 -5.12 -23.41
C THR A 249 -30.98 -5.19 -24.78
N LYS A 250 -30.33 -4.72 -25.84
CA LYS A 250 -31.00 -4.58 -27.14
C LYS A 250 -30.74 -5.84 -27.96
N GLN A 251 -31.46 -6.91 -27.63
CA GLN A 251 -31.30 -8.21 -28.28
C GLN A 251 -32.67 -8.79 -28.61
N PRO A 252 -33.44 -8.15 -29.47
CA PRO A 252 -34.82 -8.64 -29.73
C PRO A 252 -34.87 -10.06 -30.27
N ALA A 253 -33.90 -10.44 -31.12
CA ALA A 253 -33.91 -11.80 -31.66
C ALA A 253 -33.73 -12.84 -30.55
N PHE A 254 -32.80 -12.57 -29.62
CA PHE A 254 -32.60 -13.44 -28.47
C PHE A 254 -33.86 -13.56 -27.62
N TYR A 255 -34.53 -12.43 -27.34
CA TYR A 255 -35.74 -12.47 -26.53
C TYR A 255 -36.83 -13.29 -27.21
N ARG A 256 -36.97 -13.16 -28.53
CA ARG A 256 -37.95 -13.99 -29.24
C ARG A 256 -37.58 -15.47 -29.11
N GLU A 257 -36.28 -15.79 -29.16
CA GLU A 257 -35.87 -17.17 -28.90
C GLU A 257 -36.24 -17.62 -27.49
N CYS A 258 -36.22 -16.71 -26.51
CA CYS A 258 -36.65 -17.06 -25.16
C CYS A 258 -38.13 -17.38 -25.14
N VAL A 259 -38.95 -16.52 -25.77
CA VAL A 259 -40.38 -16.77 -25.83
C VAL A 259 -40.65 -18.14 -26.46
N ARG A 260 -39.87 -18.52 -27.47
CA ARG A 260 -40.16 -19.79 -28.11
C ARG A 260 -39.59 -20.96 -27.33
N ALA A 261 -38.60 -20.71 -26.47
CA ALA A 261 -38.05 -21.78 -25.64
C ALA A 261 -38.99 -22.15 -24.50
N PHE A 262 -39.67 -21.17 -23.91
CA PHE A 262 -40.46 -21.49 -22.72
C PHE A 262 -41.96 -21.31 -22.90
N GLY A 263 -42.41 -20.68 -23.98
CA GLY A 263 -43.84 -20.50 -24.18
C GLY A 263 -44.59 -21.82 -24.23
N ASN A 264 -45.72 -21.88 -23.53
CA ASN A 264 -46.60 -23.04 -23.48
C ASN A 264 -45.93 -24.28 -22.90
N LEU A 265 -44.76 -24.15 -22.31
CA LEU A 265 -44.14 -25.28 -21.64
C LEU A 265 -44.91 -25.51 -20.34
N PRO A 266 -45.56 -26.66 -20.16
CA PRO A 266 -46.43 -26.83 -18.98
C PRO A 266 -45.65 -26.67 -17.70
N GLY A 267 -46.19 -25.86 -16.79
CA GLY A 267 -45.60 -25.69 -15.47
C GLY A 267 -44.52 -24.63 -15.39
N TRP A 268 -44.00 -24.17 -16.52
CA TRP A 268 -42.99 -23.12 -16.52
C TRP A 268 -43.64 -21.77 -16.78
N HIS A 269 -43.10 -20.75 -16.14
CA HIS A 269 -43.54 -19.38 -16.35
C HIS A 269 -42.31 -18.51 -16.54
N LEU A 270 -42.35 -17.66 -17.56
CA LEU A 270 -41.19 -16.90 -17.99
C LEU A 270 -41.44 -15.41 -17.79
N VAL A 271 -40.55 -14.77 -17.04
CA VAL A 271 -40.54 -13.34 -16.84
C VAL A 271 -39.42 -12.77 -17.71
N LEU A 272 -39.79 -12.00 -18.72
CA LEU A 272 -38.88 -11.57 -19.77
C LEU A 272 -38.67 -10.08 -19.61
N GLN A 273 -37.48 -9.70 -19.14
CA GLN A 273 -37.11 -8.30 -18.93
C GLN A 273 -36.29 -7.85 -20.13
N ILE A 274 -36.85 -6.94 -20.94
CA ILE A 274 -36.28 -6.63 -22.25
C ILE A 274 -35.56 -5.29 -22.29
N GLY A 275 -35.52 -4.52 -21.20
CA GLY A 275 -34.87 -3.23 -21.24
C GLY A 275 -35.74 -2.18 -21.91
N ARG A 276 -35.17 -0.99 -22.10
CA ARG A 276 -35.93 0.13 -22.65
C ARG A 276 -35.51 0.49 -24.07
N LYS A 277 -34.72 -0.35 -24.74
CA LYS A 277 -34.45 -0.17 -26.15
C LYS A 277 -35.08 -1.26 -27.01
N VAL A 278 -36.01 -2.04 -26.43
CA VAL A 278 -36.78 -3.01 -27.18
C VAL A 278 -38.23 -2.86 -26.72
N THR A 279 -39.19 -2.83 -27.69
CA THR A 279 -40.59 -2.76 -27.29
C THR A 279 -41.24 -4.14 -27.33
N PRO A 280 -42.26 -4.39 -26.50
CA PRO A 280 -42.96 -5.67 -26.56
C PRO A 280 -43.46 -6.03 -27.97
N ALA A 281 -43.90 -5.03 -28.74
CA ALA A 281 -44.41 -5.27 -30.08
C ALA A 281 -43.41 -6.02 -30.95
N GLU A 282 -42.11 -5.81 -30.74
CA GLU A 282 -41.03 -6.45 -31.48
C GLU A 282 -40.94 -7.95 -31.24
N LEU A 283 -41.76 -8.53 -30.36
CA LEU A 283 -41.55 -9.92 -29.99
C LEU A 283 -42.64 -10.83 -30.51
N GLY A 284 -43.69 -10.26 -31.11
CA GLY A 284 -44.75 -11.08 -31.63
C GLY A 284 -45.73 -11.48 -30.55
N GLU A 285 -46.69 -12.31 -30.97
CA GLU A 285 -47.72 -12.81 -30.08
C GLU A 285 -47.10 -13.59 -28.93
N LEU A 286 -47.55 -13.33 -27.71
CA LEU A 286 -46.96 -13.99 -26.55
C LEU A 286 -47.92 -15.00 -25.94
N PRO A 287 -47.46 -16.21 -25.67
CA PRO A 287 -48.33 -17.23 -25.06
C PRO A 287 -48.67 -16.86 -23.63
N PRO A 288 -49.68 -17.51 -23.05
CA PRO A 288 -50.18 -17.05 -21.73
C PRO A 288 -49.16 -17.16 -20.60
N ASN A 289 -48.17 -18.05 -20.68
CA ASN A 289 -47.23 -18.26 -19.59
C ASN A 289 -45.95 -17.43 -19.72
N VAL A 290 -45.98 -16.32 -20.46
CA VAL A 290 -44.81 -15.45 -20.58
C VAL A 290 -45.27 -14.01 -20.41
N GLU A 291 -44.61 -13.29 -19.51
CA GLU A 291 -44.89 -11.87 -19.31
C GLU A 291 -43.65 -11.06 -19.64
N VAL A 292 -43.87 -9.82 -20.08
CA VAL A 292 -42.80 -8.98 -20.61
C VAL A 292 -42.79 -7.66 -19.86
N HIS A 293 -41.60 -7.22 -19.47
CA HIS A 293 -41.44 -5.92 -18.83
C HIS A 293 -40.17 -5.26 -19.34
N GLN A 294 -40.13 -3.94 -19.21
CA GLN A 294 -38.91 -3.20 -19.48
C GLN A 294 -38.10 -2.97 -18.22
N TRP A 295 -38.64 -3.35 -17.06
CA TRP A 295 -37.94 -3.31 -15.78
C TRP A 295 -38.71 -4.21 -14.82
N VAL A 296 -37.99 -4.99 -14.03
CA VAL A 296 -38.63 -5.90 -13.06
C VAL A 296 -38.02 -5.66 -11.69
N PRO A 297 -38.75 -6.00 -10.63
CA PRO A 297 -38.12 -6.12 -9.30
C PRO A 297 -37.28 -7.39 -9.23
N GLN A 298 -36.05 -7.31 -9.75
CA GLN A 298 -35.28 -8.51 -10.05
C GLN A 298 -34.98 -9.33 -8.80
N LEU A 299 -34.58 -8.66 -7.73
CA LEU A 299 -34.14 -9.42 -6.55
C LEU A 299 -35.31 -10.18 -5.93
N ASP A 300 -36.52 -9.60 -5.96
CA ASP A 300 -37.69 -10.32 -5.47
C ASP A 300 -38.01 -11.52 -6.34
N ILE A 301 -37.81 -11.39 -7.66
CA ILE A 301 -38.08 -12.52 -8.55
C ILE A 301 -37.05 -13.63 -8.36
N LEU A 302 -35.81 -13.27 -8.02
CA LEU A 302 -34.78 -14.30 -7.84
C LEU A 302 -34.99 -15.11 -6.56
N THR A 303 -35.76 -14.61 -5.60
CA THR A 303 -36.09 -15.44 -4.44
C THR A 303 -37.09 -16.53 -4.81
N LYS A 304 -37.76 -16.39 -5.96
CA LYS A 304 -38.76 -17.35 -6.39
C LYS A 304 -38.40 -18.06 -7.69
N ALA A 305 -37.37 -17.61 -8.39
CA ALA A 305 -37.02 -18.21 -9.68
C ALA A 305 -36.36 -19.57 -9.50
N SER A 306 -36.67 -20.48 -10.42
CA SER A 306 -35.92 -21.72 -10.53
C SER A 306 -34.79 -21.61 -11.54
N ALA A 307 -34.81 -20.58 -12.40
CA ALA A 307 -33.68 -20.45 -13.31
C ALA A 307 -33.54 -19.00 -13.76
N PHE A 308 -32.30 -18.62 -14.02
CA PHE A 308 -31.95 -17.24 -14.34
C PHE A 308 -31.09 -17.24 -15.60
N ILE A 309 -31.63 -16.70 -16.68
CA ILE A 309 -30.90 -16.47 -17.91
C ILE A 309 -30.40 -15.02 -17.85
N THR A 310 -29.09 -14.87 -17.72
CA THR A 310 -28.49 -13.61 -17.34
C THR A 310 -27.32 -13.28 -18.26
N HIS A 311 -27.07 -11.98 -18.43
CA HIS A 311 -25.85 -11.54 -19.09
C HIS A 311 -24.62 -11.71 -18.22
N ALA A 312 -24.76 -12.15 -16.97
CA ALA A 312 -23.66 -12.41 -16.06
C ALA A 312 -22.99 -11.13 -15.57
N GLY A 313 -23.74 -10.03 -15.54
CA GLY A 313 -23.30 -8.87 -14.80
C GLY A 313 -23.06 -9.22 -13.34
N MET A 314 -22.11 -8.51 -12.73
CA MET A 314 -21.72 -8.81 -11.36
C MET A 314 -22.90 -8.75 -10.41
N GLY A 315 -23.74 -7.71 -10.52
CA GLY A 315 -24.82 -7.57 -9.56
C GLY A 315 -25.84 -8.69 -9.67
N SER A 316 -26.24 -8.99 -10.91
CA SER A 316 -27.22 -10.06 -11.13
C SER A 316 -26.66 -11.40 -10.71
N THR A 317 -25.37 -11.64 -11.00
CA THR A 317 -24.77 -12.88 -10.56
C THR A 317 -24.78 -13.00 -9.04
N MET A 318 -24.38 -11.93 -8.36
CA MET A 318 -24.39 -11.90 -6.91
C MET A 318 -25.77 -12.23 -6.36
N GLU A 319 -26.81 -11.64 -6.95
CA GLU A 319 -28.16 -11.90 -6.45
C GLU A 319 -28.59 -13.35 -6.71
N ALA A 320 -28.23 -13.89 -7.88
CA ALA A 320 -28.61 -15.26 -8.21
C ALA A 320 -27.92 -16.25 -7.28
N LEU A 321 -26.60 -16.14 -7.14
CA LEU A 321 -25.86 -16.98 -6.21
C LEU A 321 -26.40 -16.82 -4.79
N SER A 322 -26.79 -15.61 -4.42
CA SER A 322 -27.36 -15.40 -3.09
C SER A 322 -28.66 -16.18 -2.92
N ASN A 323 -29.40 -16.39 -4.00
CA ASN A 323 -30.60 -17.21 -3.92
C ASN A 323 -30.39 -18.63 -4.46
N ALA A 324 -29.16 -18.98 -4.84
CA ALA A 324 -28.81 -20.31 -5.34
C ALA A 324 -29.69 -20.74 -6.53
N VAL A 325 -29.88 -19.83 -7.48
CA VAL A 325 -30.64 -20.13 -8.70
C VAL A 325 -29.64 -20.42 -9.83
N PRO A 326 -29.75 -21.56 -10.50
CA PRO A 326 -28.86 -21.85 -11.63
C PRO A 326 -29.05 -20.87 -12.78
N MET A 327 -27.97 -20.67 -13.53
CA MET A 327 -27.91 -19.64 -14.55
C MET A 327 -27.54 -20.19 -15.92
N ILE A 328 -28.08 -19.53 -16.93
CA ILE A 328 -27.58 -19.60 -18.30
C ILE A 328 -26.95 -18.24 -18.58
N ALA A 329 -25.63 -18.22 -18.69
CA ALA A 329 -24.90 -16.97 -18.84
C ALA A 329 -24.74 -16.65 -20.32
N VAL A 330 -25.33 -15.55 -20.76
CA VAL A 330 -25.23 -15.06 -22.13
C VAL A 330 -24.51 -13.71 -22.08
N PRO A 331 -23.18 -13.71 -21.98
CA PRO A 331 -22.46 -12.45 -21.77
C PRO A 331 -22.55 -11.54 -22.98
N GLN A 332 -22.81 -10.26 -22.73
CA GLN A 332 -22.97 -9.28 -23.79
C GLN A 332 -21.72 -8.43 -24.05
N ALA A 333 -20.98 -8.06 -23.01
CA ALA A 333 -19.91 -7.09 -23.19
C ALA A 333 -18.98 -7.11 -21.99
N VAL A 334 -17.86 -6.39 -22.12
CA VAL A 334 -16.83 -6.14 -21.12
C VAL A 334 -16.51 -7.37 -20.27
N ASP A 335 -16.58 -7.21 -18.94
CA ASP A 335 -16.15 -8.27 -18.02
C ASP A 335 -17.10 -9.46 -17.98
N GLN A 336 -18.31 -9.34 -18.54
CA GLN A 336 -19.30 -10.39 -18.38
C GLN A 336 -18.79 -11.74 -18.88
N PHE A 337 -18.04 -11.72 -19.99
CA PHE A 337 -17.48 -12.97 -20.52
C PHE A 337 -16.67 -13.70 -19.46
N GLY A 338 -15.72 -12.98 -18.83
CA GLY A 338 -14.91 -13.64 -17.81
C GLY A 338 -15.77 -14.21 -16.71
N ASN A 339 -16.81 -13.47 -16.31
CA ASN A 339 -17.65 -13.93 -15.23
C ASN A 339 -18.43 -15.15 -15.66
N ALA A 340 -18.95 -15.12 -16.88
CA ALA A 340 -19.64 -16.30 -17.40
C ALA A 340 -18.71 -17.51 -17.30
N ASP A 341 -17.45 -17.33 -17.71
CA ASP A 341 -16.51 -18.45 -17.66
C ASP A 341 -16.33 -18.93 -16.23
N MET A 342 -16.16 -17.99 -15.29
CA MET A 342 -16.02 -18.41 -13.90
C MET A 342 -17.25 -19.17 -13.46
N LEU A 343 -18.44 -18.63 -13.78
CA LEU A 343 -19.67 -19.32 -13.41
C LEU A 343 -19.69 -20.73 -13.95
N GLN A 344 -19.29 -20.90 -15.23
CA GLN A 344 -19.29 -22.24 -15.77
C GLN A 344 -18.18 -23.06 -15.13
N GLY A 345 -17.03 -22.44 -14.89
CA GLY A 345 -15.95 -23.13 -14.21
C GLY A 345 -16.33 -23.64 -12.82
N LEU A 346 -17.32 -23.02 -12.18
CA LEU A 346 -17.77 -23.49 -10.89
C LEU A 346 -18.95 -24.44 -11.00
N GLY A 347 -19.37 -24.78 -12.22
CA GLY A 347 -20.45 -25.73 -12.40
C GLY A 347 -21.81 -25.29 -11.91
N VAL A 348 -22.06 -23.97 -11.88
CA VAL A 348 -23.37 -23.44 -11.53
C VAL A 348 -24.03 -22.75 -12.69
N ALA A 349 -23.40 -22.72 -13.85
CA ALA A 349 -24.01 -22.07 -15.00
C ALA A 349 -23.48 -22.67 -16.29
N ARG A 350 -24.25 -22.45 -17.35
CA ARG A 350 -23.86 -22.79 -18.71
C ARG A 350 -23.66 -21.49 -19.46
N LYS A 351 -22.49 -21.31 -20.04
CA LYS A 351 -22.25 -20.13 -20.86
C LYS A 351 -22.67 -20.43 -22.30
N LEU A 352 -23.50 -19.56 -22.86
CA LEU A 352 -23.85 -19.60 -24.26
C LEU A 352 -23.58 -18.24 -24.86
N ALA A 353 -23.06 -18.23 -26.08
CA ALA A 353 -23.01 -17.00 -26.84
C ALA A 353 -24.40 -16.67 -27.37
N THR A 354 -24.67 -15.37 -27.54
CA THR A 354 -26.01 -14.93 -27.91
C THR A 354 -26.46 -15.59 -29.21
N GLU A 355 -25.53 -15.79 -30.14
CA GLU A 355 -25.83 -16.42 -31.43
C GLU A 355 -26.37 -17.83 -31.24
N GLU A 356 -25.70 -18.64 -30.41
CA GLU A 356 -26.06 -20.04 -30.20
C GLU A 356 -27.26 -20.23 -29.29
N ALA A 357 -27.77 -19.17 -28.67
CA ALA A 357 -28.89 -19.29 -27.73
C ALA A 357 -30.18 -19.39 -28.54
N THR A 358 -30.41 -20.56 -29.11
CA THR A 358 -31.63 -20.82 -29.85
C THR A 358 -32.68 -21.39 -28.91
N ALA A 359 -33.94 -21.34 -29.35
CA ALA A 359 -35.05 -21.75 -28.49
C ALA A 359 -34.87 -23.16 -27.94
N ASP A 360 -34.57 -24.12 -28.82
CA ASP A 360 -34.42 -25.50 -28.38
C ASP A 360 -33.24 -25.66 -27.42
N LEU A 361 -32.11 -24.99 -27.69
CA LEU A 361 -30.97 -25.22 -26.79
C LEU A 361 -31.14 -24.49 -25.47
N LEU A 362 -31.83 -23.35 -25.48
CA LEU A 362 -32.21 -22.70 -24.23
C LEU A 362 -33.12 -23.59 -23.40
N ARG A 363 -34.15 -24.16 -24.03
CA ARG A 363 -35.10 -25.01 -23.30
C ARG A 363 -34.42 -26.25 -22.73
N GLU A 364 -33.59 -26.92 -23.51
CA GLU A 364 -32.96 -28.14 -23.00
C GLU A 364 -31.90 -27.81 -21.95
N THR A 365 -31.19 -26.68 -22.09
CA THR A 365 -30.23 -26.29 -21.06
C THR A 365 -30.92 -25.94 -19.75
N ALA A 366 -32.04 -25.22 -19.81
CA ALA A 366 -32.77 -24.88 -18.60
C ALA A 366 -33.31 -26.14 -17.91
N LEU A 367 -34.04 -26.97 -18.67
CA LEU A 367 -34.53 -28.24 -18.13
C LEU A 367 -33.40 -29.05 -17.49
N ALA A 368 -32.23 -29.07 -18.13
CA ALA A 368 -31.09 -29.77 -17.55
C ALA A 368 -30.66 -29.14 -16.23
N LEU A 369 -30.49 -27.82 -16.21
CA LEU A 369 -29.92 -27.18 -15.02
C LEU A 369 -30.83 -27.31 -13.81
N VAL A 370 -32.15 -27.19 -14.00
CA VAL A 370 -33.03 -27.18 -12.84
C VAL A 370 -33.16 -28.56 -12.19
N ASP A 371 -32.85 -29.64 -12.90
CA ASP A 371 -32.95 -31.00 -12.34
C ASP A 371 -31.62 -31.57 -11.91
N ASP A 372 -30.52 -30.89 -12.19
CA ASP A 372 -29.16 -31.37 -11.91
C ASP A 372 -28.83 -31.23 -10.42
N PRO A 373 -28.74 -32.35 -9.69
CA PRO A 373 -28.48 -32.27 -8.24
C PRO A 373 -27.12 -31.68 -7.90
N GLU A 374 -26.18 -31.79 -8.84
CA GLU A 374 -24.81 -31.36 -8.60
C GLU A 374 -24.69 -29.85 -8.75
N VAL A 375 -25.48 -29.27 -9.66
CA VAL A 375 -25.56 -27.82 -9.78
C VAL A 375 -26.19 -27.24 -8.52
N ALA A 376 -27.17 -27.94 -7.95
CA ALA A 376 -27.78 -27.47 -6.71
C ALA A 376 -26.81 -27.53 -5.55
N ARG A 377 -25.95 -28.56 -5.51
CA ARG A 377 -25.10 -28.64 -4.33
C ARG A 377 -23.93 -27.67 -4.43
N ARG A 378 -23.44 -27.40 -5.65
CA ARG A 378 -22.41 -26.37 -5.76
C ARG A 378 -23.01 -24.98 -5.54
N LEU A 379 -24.29 -24.80 -5.88
CA LEU A 379 -24.93 -23.52 -5.59
C LEU A 379 -25.11 -23.31 -4.09
N ARG A 380 -25.52 -24.36 -3.37
CA ARG A 380 -25.66 -24.23 -1.92
C ARG A 380 -24.31 -24.03 -1.25
N ARG A 381 -23.24 -24.62 -1.81
CA ARG A 381 -21.94 -24.42 -1.19
C ARG A 381 -21.50 -22.97 -1.32
N ILE A 382 -21.63 -22.41 -2.54
CA ILE A 382 -21.27 -21.01 -2.71
C ILE A 382 -22.13 -20.12 -1.81
N GLN A 383 -23.42 -20.42 -1.73
CA GLN A 383 -24.34 -19.61 -0.93
C GLN A 383 -23.94 -19.64 0.54
N ALA A 384 -23.52 -20.80 1.05
CA ALA A 384 -23.07 -20.88 2.45
C ALA A 384 -21.76 -20.14 2.66
N GLU A 385 -20.82 -20.23 1.69
CA GLU A 385 -19.57 -19.48 1.82
C GLU A 385 -19.87 -17.99 1.91
N MET A 386 -20.80 -17.50 1.09
CA MET A 386 -21.16 -16.09 1.19
C MET A 386 -21.82 -15.79 2.53
N ALA A 387 -22.65 -16.71 3.02
CA ALA A 387 -23.23 -16.50 4.35
C ALA A 387 -22.16 -16.42 5.43
N GLN A 388 -20.98 -16.97 5.18
CA GLN A 388 -19.95 -16.98 6.21
C GLN A 388 -18.88 -15.88 6.05
N GLU A 389 -18.74 -15.20 4.90
CA GLU A 389 -17.88 -14.01 4.93
C GLU A 389 -18.63 -12.85 5.56
N GLY A 390 -18.99 -13.03 6.83
CA GLY A 390 -19.68 -11.97 7.52
C GLY A 390 -20.98 -11.65 6.86
N GLY A 391 -21.73 -10.78 7.51
CA GLY A 391 -22.90 -10.22 6.85
C GLY A 391 -22.76 -8.73 6.65
N THR A 392 -23.89 -8.04 6.42
CA THR A 392 -23.88 -6.58 6.38
C THR A 392 -23.32 -6.00 7.66
N ARG A 393 -23.49 -6.70 8.79
CA ARG A 393 -23.03 -6.17 10.07
C ARG A 393 -21.53 -6.27 10.21
N ARG A 394 -20.90 -7.18 9.45
CA ARG A 394 -19.45 -7.22 9.44
C ARG A 394 -18.89 -6.11 8.54
N ALA A 395 -19.59 -5.82 7.43
CA ALA A 395 -19.19 -4.72 6.57
C ALA A 395 -19.26 -3.40 7.31
N ALA A 396 -20.38 -3.16 8.01
CA ALA A 396 -20.52 -1.97 8.83
C ALA A 396 -19.48 -1.93 9.94
N ASP A 397 -19.12 -3.09 10.48
CA ASP A 397 -18.08 -3.13 11.52
C ASP A 397 -16.72 -2.73 10.96
N LEU A 398 -16.35 -3.27 9.79
CA LEU A 398 -15.07 -2.91 9.21
C LEU A 398 -15.02 -1.44 8.83
N ILE A 399 -16.13 -0.90 8.34
CA ILE A 399 -16.17 0.51 7.99
C ILE A 399 -16.03 1.37 9.25
N GLU A 400 -16.82 1.06 10.28
CA GLU A 400 -16.68 1.77 11.55
C GLU A 400 -15.26 1.67 12.08
N ALA A 401 -14.62 0.52 11.91
CA ALA A 401 -13.24 0.34 12.34
C ALA A 401 -12.31 1.28 11.59
N GLU A 402 -12.66 1.64 10.37
CA GLU A 402 -11.82 2.62 9.68
C GLU A 402 -12.05 4.06 10.13
N LEU A 403 -13.04 4.31 10.99
CA LEU A 403 -13.28 5.64 11.51
C LEU A 403 -12.16 6.05 12.48
N PRO A 404 -11.66 7.28 12.39
CA PRO A 404 -10.56 7.68 13.30
C PRO A 404 -11.06 8.24 14.62
N ALA A 405 -10.14 8.62 15.50
CA ALA A 405 -10.50 9.22 16.79
C ALA A 405 -10.00 10.66 16.87
N ALA B 13 32.14 11.19 -15.43
CA ALA B 13 31.95 12.29 -14.48
C ALA B 13 32.68 12.06 -13.17
N HIS B 14 32.93 13.16 -12.44
CA HIS B 14 33.50 13.09 -11.10
C HIS B 14 32.38 13.31 -10.09
N ILE B 15 32.09 12.26 -9.32
CA ILE B 15 31.13 12.29 -8.23
C ILE B 15 31.95 12.20 -6.95
N ALA B 16 31.71 13.12 -6.03
CA ALA B 16 32.42 13.17 -4.76
C ALA B 16 31.42 12.90 -3.64
N MET B 17 31.64 11.82 -2.90
CA MET B 17 30.83 11.46 -1.75
C MET B 17 31.52 11.88 -0.46
N PHE B 18 30.72 12.35 0.51
CA PHE B 18 31.21 12.89 1.77
C PHE B 18 30.47 12.20 2.90
N SER B 19 31.22 11.66 3.85
CA SER B 19 30.60 11.14 5.07
C SER B 19 31.58 11.24 6.24
N ILE B 20 31.14 10.73 7.38
CA ILE B 20 31.92 10.66 8.60
C ILE B 20 32.28 9.21 8.88
N ALA B 21 33.15 8.99 9.86
CA ALA B 21 33.55 7.63 10.27
C ALA B 21 32.54 7.07 11.28
N ALA B 22 31.37 6.71 10.76
CA ALA B 22 30.34 6.05 11.56
C ALA B 22 29.66 5.03 10.68
N HIS B 23 29.71 3.75 11.09
CA HIS B 23 29.18 2.64 10.28
C HIS B 23 27.75 2.90 9.82
N GLY B 24 26.90 3.45 10.70
CA GLY B 24 25.54 3.74 10.33
C GLY B 24 25.40 4.80 9.25
N HIS B 25 26.45 5.57 9.00
CA HIS B 25 26.42 6.62 7.99
C HIS B 25 27.25 6.29 6.75
N VAL B 26 27.86 5.11 6.71
CA VAL B 26 28.64 4.67 5.57
C VAL B 26 28.07 3.40 4.95
N ASN B 27 27.69 2.43 5.79
CA ASN B 27 27.13 1.19 5.29
C ASN B 27 25.90 1.36 4.39
N PRO B 28 24.92 2.21 4.70
CA PRO B 28 23.70 2.25 3.88
C PRO B 28 23.93 2.68 2.44
N SER B 29 25.05 3.35 2.12
CA SER B 29 25.26 3.87 0.78
C SER B 29 26.42 3.19 0.06
N LEU B 30 27.11 2.24 0.71
CA LEU B 30 28.26 1.60 0.08
C LEU B 30 27.89 0.97 -1.26
N GLU B 31 26.76 0.25 -1.30
CA GLU B 31 26.39 -0.41 -2.55
C GLU B 31 26.10 0.59 -3.65
N VAL B 32 25.53 1.74 -3.30
CA VAL B 32 25.30 2.76 -4.31
C VAL B 32 26.63 3.28 -4.84
N ILE B 33 27.60 3.56 -3.95
CA ILE B 33 28.90 4.03 -4.42
C ILE B 33 29.56 2.99 -5.32
N ARG B 34 29.52 1.72 -4.90
CA ARG B 34 30.06 0.64 -5.72
C ARG B 34 29.41 0.59 -7.09
N GLU B 35 28.09 0.78 -7.15
CA GLU B 35 27.39 0.78 -8.44
C GLU B 35 27.85 1.95 -9.30
N LEU B 36 28.02 3.13 -8.69
CA LEU B 36 28.48 4.29 -9.46
C LEU B 36 29.87 4.05 -10.03
N VAL B 37 30.75 3.41 -9.26
CA VAL B 37 32.08 3.08 -9.75
C VAL B 37 31.99 2.08 -10.89
N ALA B 38 31.19 1.03 -10.70
CA ALA B 38 31.03 -0.01 -11.71
C ALA B 38 30.52 0.53 -13.03
N ARG B 39 29.66 1.56 -13.00
CA ARG B 39 29.15 2.14 -14.24
C ARG B 39 30.13 3.10 -14.91
N GLY B 40 31.33 3.26 -14.35
CA GLY B 40 32.36 4.03 -15.04
C GLY B 40 32.62 5.42 -14.51
N HIS B 41 31.84 5.91 -13.54
CA HIS B 41 32.10 7.24 -12.99
C HIS B 41 33.38 7.21 -12.15
N ARG B 42 34.06 8.34 -12.11
CA ARG B 42 35.22 8.49 -11.25
C ARG B 42 34.71 9.03 -9.91
N VAL B 43 34.86 8.23 -8.86
CA VAL B 43 34.25 8.52 -7.57
C VAL B 43 35.34 8.70 -6.54
N THR B 44 35.30 9.84 -5.86
CA THR B 44 36.14 10.11 -4.70
C THR B 44 35.24 10.11 -3.47
N TYR B 45 35.79 9.65 -2.35
CA TYR B 45 35.03 9.49 -1.12
C TYR B 45 35.78 10.21 0.00
N ALA B 46 35.30 11.40 0.37
CA ALA B 46 35.88 12.13 1.49
C ALA B 46 35.50 11.43 2.78
N ILE B 47 36.51 11.02 3.54
CA ILE B 47 36.32 10.08 4.65
C ILE B 47 37.46 10.27 5.67
N PRO B 48 37.21 10.12 6.96
CA PRO B 48 38.32 10.14 7.93
C PRO B 48 39.20 8.91 7.77
N PRO B 49 40.48 8.99 8.17
CA PRO B 49 41.42 7.90 7.86
C PRO B 49 41.02 6.52 8.36
N VAL B 50 40.44 6.40 9.55
CA VAL B 50 40.12 5.07 10.07
C VAL B 50 39.19 4.29 9.13
N PHE B 51 38.41 4.97 8.30
CA PHE B 51 37.47 4.31 7.39
C PHE B 51 37.98 4.26 5.96
N ALA B 52 39.21 4.73 5.72
CA ALA B 52 39.73 4.77 4.35
C ALA B 52 39.58 3.41 3.68
N ASP B 53 40.12 2.37 4.35
CA ASP B 53 40.03 1.02 3.79
C ASP B 53 38.59 0.60 3.57
N LYS B 54 37.73 0.82 4.58
CA LYS B 54 36.35 0.36 4.46
C LYS B 54 35.72 0.92 3.20
N VAL B 55 36.06 2.17 2.87
CA VAL B 55 35.45 2.83 1.73
C VAL B 55 36.18 2.49 0.43
N ALA B 56 37.50 2.27 0.50
CA ALA B 56 38.24 1.92 -0.69
C ALA B 56 37.79 0.59 -1.29
N ALA B 57 37.16 -0.26 -0.48
CA ALA B 57 36.69 -1.55 -0.97
C ALA B 57 35.62 -1.42 -2.05
N THR B 58 35.08 -0.23 -2.27
CA THR B 58 34.09 -0.06 -3.32
C THR B 58 34.66 0.45 -4.63
N GLY B 59 35.97 0.70 -4.68
CA GLY B 59 36.59 1.22 -5.88
C GLY B 59 36.70 2.72 -5.91
N ALA B 60 36.08 3.42 -4.96
CA ALA B 60 36.24 4.87 -4.89
C ALA B 60 37.58 5.19 -4.26
N ARG B 61 38.15 6.37 -4.65
CA ARG B 61 39.42 6.74 -4.03
C ARG B 61 39.16 7.55 -2.77
N PRO B 62 39.72 7.16 -1.62
CA PRO B 62 39.51 7.96 -0.39
C PRO B 62 40.26 9.28 -0.47
N VAL B 63 39.56 10.35 -0.10
CA VAL B 63 40.16 11.65 0.16
C VAL B 63 40.06 11.89 1.66
N LEU B 64 41.18 12.01 2.34
CA LEU B 64 41.17 11.95 3.79
C LEU B 64 41.05 13.33 4.41
N TYR B 65 40.39 13.37 5.56
CA TYR B 65 40.29 14.59 6.35
C TYR B 65 40.12 14.18 7.80
N HIS B 66 40.60 15.03 8.69
CA HIS B 66 40.54 14.75 10.12
C HIS B 66 39.18 15.18 10.66
N SER B 67 38.51 14.26 11.34
CA SER B 67 37.21 14.51 11.95
C SER B 67 37.34 14.59 13.47
N THR B 68 36.57 15.48 14.09
CA THR B 68 36.58 15.60 15.54
C THR B 68 35.50 14.77 16.21
N LEU B 69 34.74 13.98 15.45
CA LEU B 69 33.64 13.23 16.03
C LEU B 69 34.16 11.95 16.67
N PRO B 70 33.40 11.36 17.60
CA PRO B 70 33.88 10.12 18.23
C PRO B 70 34.13 9.04 17.20
N LYS B 71 35.31 8.41 17.27
CA LYS B 71 35.48 7.46 16.18
C LYS B 71 34.93 6.10 16.57
N PRO B 72 34.39 5.37 15.59
CA PRO B 72 33.52 4.22 15.90
C PRO B 72 34.27 3.08 16.52
N SER B 73 35.57 3.02 16.25
CA SER B 73 36.42 1.95 16.73
C SER B 73 36.88 2.10 18.16
N ASN B 74 37.00 3.33 18.69
CA ASN B 74 37.86 3.58 19.84
C ASN B 74 37.09 3.78 21.14
N PRO B 75 37.24 2.85 22.10
CA PRO B 75 36.32 2.78 23.25
C PRO B 75 36.36 3.95 24.22
N GLU B 76 37.52 4.60 24.42
CA GLU B 76 37.55 5.72 25.34
C GLU B 76 36.74 6.92 24.87
N GLU B 77 36.25 6.91 23.63
CA GLU B 77 35.40 7.97 23.10
C GLU B 77 33.96 7.48 23.10
N SER B 78 33.01 8.42 23.08
CA SER B 78 31.62 8.01 23.01
C SER B 78 30.75 9.17 22.51
N TRP B 79 29.61 8.81 21.89
CA TRP B 79 28.66 9.81 21.43
C TRP B 79 27.74 10.25 22.57
N PRO B 80 27.24 11.48 22.49
CA PRO B 80 26.26 11.94 23.50
C PRO B 80 24.90 11.30 23.27
N GLU B 81 24.08 11.38 24.32
CA GLU B 81 22.72 10.87 24.29
C GLU B 81 21.68 11.96 24.03
N ASP B 82 22.00 13.22 24.30
CA ASP B 82 21.01 14.28 24.44
C ASP B 82 20.67 15.05 23.17
N GLN B 83 21.24 14.67 22.02
CA GLN B 83 20.91 15.29 20.72
C GLN B 83 21.32 16.76 20.54
N GLU B 84 21.09 17.63 21.53
CA GLU B 84 21.55 19.00 21.36
C GLU B 84 23.07 19.01 21.34
N SER B 85 23.67 18.04 22.05
CA SER B 85 25.10 17.86 22.06
C SER B 85 25.59 17.31 20.72
N ALA B 86 24.76 16.49 20.07
CA ALA B 86 25.16 15.89 18.81
C ALA B 86 25.27 16.95 17.72
N MET B 87 24.28 17.84 17.63
CA MET B 87 24.33 18.90 16.64
C MET B 87 25.48 19.86 16.91
N GLY B 88 25.79 20.10 18.18
CA GLY B 88 27.00 20.83 18.51
C GLY B 88 28.24 20.17 17.92
N LEU B 89 28.34 18.84 18.10
CA LEU B 89 29.48 18.12 17.56
C LEU B 89 29.57 18.27 16.05
N PHE B 90 28.43 18.19 15.35
CA PHE B 90 28.46 18.26 13.90
C PHE B 90 28.86 19.65 13.42
N LEU B 91 28.41 20.70 14.11
CA LEU B 91 28.85 22.05 13.76
C LEU B 91 30.35 22.20 13.94
N ASN B 92 30.87 21.76 15.10
CA ASN B 92 32.31 21.87 15.34
C ASN B 92 33.11 21.14 14.27
N ASP B 93 32.73 19.89 14.01
CA ASP B 93 33.43 19.10 13.01
C ASP B 93 33.39 19.79 11.67
N ALA B 94 32.24 20.34 11.29
CA ALA B 94 32.14 21.02 10.00
C ALA B 94 33.10 22.21 9.94
N ILE B 95 33.16 23.01 11.01
CA ILE B 95 33.99 24.21 10.97
C ILE B 95 35.45 23.83 10.79
N GLN B 96 35.93 22.81 11.50
CA GLN B 96 37.33 22.46 11.32
C GLN B 96 37.58 21.59 10.08
N ALA B 97 36.55 20.97 9.50
CA ALA B 97 36.76 20.07 8.38
C ALA B 97 36.65 20.76 7.03
N LEU B 98 35.82 21.79 6.93
CA LEU B 98 35.63 22.51 5.67
C LEU B 98 36.92 22.97 5.02
N PRO B 99 37.85 23.65 5.70
CA PRO B 99 39.08 24.07 5.02
C PRO B 99 39.95 22.91 4.53
N GLN B 100 40.01 21.79 5.26
CA GLN B 100 40.79 20.65 4.80
C GLN B 100 40.24 20.08 3.50
N LEU B 101 38.91 20.00 3.40
CA LEU B 101 38.30 19.42 2.22
C LEU B 101 38.31 20.39 1.05
N ALA B 102 38.15 21.68 1.34
CA ALA B 102 38.35 22.71 0.33
C ALA B 102 39.75 22.61 -0.27
N ASP B 103 40.78 22.47 0.56
CA ASP B 103 42.12 22.32 0.00
C ASP B 103 42.27 21.01 -0.75
N ALA B 104 41.76 19.91 -0.19
CA ALA B 104 41.96 18.61 -0.81
C ALA B 104 41.37 18.55 -2.22
N TYR B 105 40.25 19.25 -2.44
CA TYR B 105 39.54 19.23 -3.70
C TYR B 105 39.83 20.46 -4.56
N ALA B 106 40.89 21.20 -4.26
CA ALA B 106 41.08 22.50 -4.91
C ALA B 106 41.41 22.38 -6.40
N ASP B 107 42.03 21.28 -6.84
CA ASP B 107 42.35 21.08 -8.25
C ASP B 107 41.44 20.08 -8.92
N ASP B 108 40.46 19.55 -8.21
CA ASP B 108 39.56 18.53 -8.73
C ASP B 108 38.20 18.85 -8.13
N ILE B 109 37.39 19.58 -8.86
CA ILE B 109 36.08 19.96 -8.37
C ILE B 109 35.07 19.03 -9.03
N PRO B 110 34.30 18.29 -8.25
CA PRO B 110 33.50 17.21 -8.82
C PRO B 110 32.38 17.79 -9.66
N ASP B 111 31.85 16.94 -10.53
CA ASP B 111 30.64 17.31 -11.23
C ASP B 111 29.43 17.21 -10.33
N LEU B 112 29.47 16.32 -9.33
CA LEU B 112 28.35 16.35 -8.41
C LEU B 112 28.82 15.90 -7.04
N VAL B 113 28.13 16.41 -6.02
CA VAL B 113 28.45 16.14 -4.62
C VAL B 113 27.32 15.28 -4.04
N LEU B 114 27.70 14.10 -3.55
CA LEU B 114 26.83 13.24 -2.75
C LEU B 114 27.27 13.33 -1.31
N HIS B 115 26.32 13.35 -0.38
CA HIS B 115 26.79 13.46 1.00
C HIS B 115 25.77 12.89 1.97
N ASP B 116 26.29 12.23 3.00
CA ASP B 116 25.49 11.92 4.17
C ASP B 116 24.99 13.19 4.84
N ILE B 117 23.90 13.06 5.61
CA ILE B 117 23.27 14.21 6.26
C ILE B 117 24.17 14.90 7.28
N THR B 118 25.17 14.19 7.83
CA THR B 118 26.01 14.78 8.85
C THR B 118 27.07 15.73 8.28
N SER B 119 27.31 15.71 6.97
CA SER B 119 28.45 16.43 6.40
C SER B 119 28.01 17.81 5.92
N TYR B 120 27.95 18.74 6.86
CA TYR B 120 27.76 20.15 6.51
C TYR B 120 28.79 20.67 5.51
N PRO B 121 30.09 20.35 5.63
CA PRO B 121 31.05 20.87 4.64
C PRO B 121 30.67 20.56 3.22
N ALA B 122 30.05 19.41 2.96
CA ALA B 122 29.68 19.07 1.59
C ALA B 122 28.61 20.00 1.05
N ARG B 123 27.65 20.41 1.87
CA ARG B 123 26.65 21.37 1.38
C ARG B 123 27.31 22.71 1.11
N VAL B 124 28.22 23.13 1.98
CA VAL B 124 28.86 24.42 1.74
C VAL B 124 29.70 24.40 0.47
N LEU B 125 30.50 23.34 0.29
CA LEU B 125 31.36 23.23 -0.88
C LEU B 125 30.55 23.09 -2.15
N ALA B 126 29.45 22.33 -2.11
CA ALA B 126 28.58 22.26 -3.28
C ALA B 126 28.10 23.65 -3.67
N ARG B 127 27.66 24.43 -2.69
CA ARG B 127 27.16 25.76 -3.01
C ARG B 127 28.28 26.67 -3.53
N ARG B 128 29.48 26.58 -2.94
CA ARG B 128 30.57 27.46 -3.34
C ARG B 128 31.14 27.07 -4.71
N TRP B 129 31.07 25.79 -5.08
CA TRP B 129 31.53 25.33 -6.38
C TRP B 129 30.47 25.50 -7.46
N GLY B 130 29.21 25.67 -7.08
CA GLY B 130 28.13 25.78 -8.04
C GLY B 130 27.69 24.48 -8.65
N VAL B 131 27.94 23.36 -7.98
CA VAL B 131 27.58 22.04 -8.53
C VAL B 131 26.42 21.45 -7.75
N PRO B 132 25.67 20.51 -8.33
CA PRO B 132 24.57 19.89 -7.60
C PRO B 132 25.05 19.10 -6.39
N ALA B 133 24.17 19.04 -5.39
CA ALA B 133 24.38 18.26 -4.18
C ALA B 133 23.14 17.41 -3.96
N VAL B 134 23.36 16.13 -3.72
CA VAL B 134 22.30 15.20 -3.34
C VAL B 134 22.64 14.67 -1.95
N SER B 135 21.72 14.86 -1.01
CA SER B 135 21.80 14.30 0.33
C SER B 135 21.30 12.85 0.32
N LEU B 136 22.06 11.94 0.94
CA LEU B 136 21.66 10.56 1.09
C LEU B 136 21.34 10.31 2.56
N SER B 137 20.06 10.09 2.86
CA SER B 137 19.62 10.06 4.24
C SER B 137 19.52 8.64 4.74
N PRO B 138 20.36 8.21 5.68
CA PRO B 138 20.20 6.88 6.26
C PRO B 138 19.27 6.93 7.46
N ASN B 139 18.42 7.96 7.51
CA ASN B 139 17.44 8.08 8.57
C ASN B 139 16.26 8.89 8.03
N LEU B 140 15.25 9.07 8.87
CA LEU B 140 14.01 9.68 8.42
C LEU B 140 14.22 11.18 8.18
N VAL B 141 13.35 11.74 7.35
CA VAL B 141 13.50 13.08 6.82
C VAL B 141 12.30 13.92 7.22
N ALA B 142 12.40 15.22 6.97
CA ALA B 142 11.31 16.15 7.25
C ALA B 142 10.13 15.91 6.32
N TRP B 143 8.94 15.77 6.91
CA TRP B 143 7.71 15.89 6.16
C TRP B 143 7.33 17.37 6.11
N LYS B 144 6.28 17.70 5.35
CA LYS B 144 5.79 19.07 5.35
C LYS B 144 4.87 19.26 6.53
N GLY B 145 5.11 20.32 7.30
CA GLY B 145 4.61 20.44 8.65
C GLY B 145 5.62 20.06 9.73
N TYR B 146 6.84 19.69 9.33
CA TYR B 146 7.88 19.37 10.31
C TYR B 146 8.24 20.60 11.13
N GLU B 147 8.35 21.76 10.48
CA GLU B 147 8.83 22.95 11.16
C GLU B 147 7.90 23.35 12.29
N GLU B 148 6.59 23.22 12.07
CA GLU B 148 5.60 23.63 13.06
C GLU B 148 5.26 22.53 14.06
N GLU B 149 5.45 21.26 13.70
CA GLU B 149 5.09 20.19 14.60
C GLU B 149 6.23 19.76 15.53
N VAL B 150 7.47 19.74 15.05
CA VAL B 150 8.60 19.25 15.84
C VAL B 150 9.70 20.30 15.96
N ALA B 151 10.08 20.94 14.85
CA ALA B 151 11.25 21.83 14.88
C ALA B 151 11.03 23.01 15.82
N GLU B 152 9.88 23.68 15.70
CA GLU B 152 9.62 24.82 16.57
C GLU B 152 9.32 24.39 18.00
N PRO B 153 8.37 23.49 18.28
CA PRO B 153 8.10 23.15 19.69
C PRO B 153 9.23 22.42 20.37
N MET B 154 9.92 21.52 19.68
CA MET B 154 10.84 20.61 20.35
C MET B 154 12.32 20.99 20.22
N TRP B 155 12.70 21.75 19.20
CA TRP B 155 14.10 22.13 19.02
C TRP B 155 14.35 23.59 19.37
N ARG B 156 13.63 24.52 18.76
CA ARG B 156 13.94 25.94 18.93
C ARG B 156 13.39 26.50 20.24
N GLU B 157 12.09 26.32 20.49
CA GLU B 157 11.50 26.91 21.70
C GLU B 157 12.06 26.37 23.01
N PRO B 158 12.44 25.09 23.16
CA PRO B 158 13.09 24.68 24.41
C PRO B 158 14.52 25.14 24.51
N ARG B 159 15.08 25.71 23.45
CA ARG B 159 16.46 26.16 23.45
C ARG B 159 16.46 27.66 23.18
N GLN B 160 16.02 28.42 24.18
CA GLN B 160 16.26 29.86 24.27
C GLN B 160 17.18 30.08 25.45
N THR B 161 18.35 29.52 25.28
CA THR B 161 19.41 29.37 26.25
C THR B 161 20.55 30.28 25.82
N GLU B 162 21.49 30.51 26.74
CA GLU B 162 22.76 31.05 26.28
C GLU B 162 23.48 30.04 25.40
N ARG B 163 23.30 28.74 25.66
CA ARG B 163 23.91 27.72 24.84
C ARG B 163 23.28 27.68 23.43
N GLY B 164 21.94 27.71 23.35
CA GLY B 164 21.28 27.79 22.06
C GLY B 164 21.68 29.00 21.26
N ARG B 165 21.67 30.18 21.91
CA ARG B 165 22.02 31.42 21.22
C ARG B 165 23.48 31.40 20.78
N ALA B 166 24.36 30.79 21.56
CA ALA B 166 25.74 30.64 21.11
C ALA B 166 25.80 29.72 19.89
N TYR B 167 25.05 28.62 19.93
CA TYR B 167 25.01 27.69 18.79
C TYR B 167 24.61 28.41 17.52
N TYR B 168 23.52 29.19 17.57
CA TYR B 168 23.05 29.86 16.37
C TYR B 168 23.99 31.00 15.95
N ALA B 169 24.61 31.71 16.89
CA ALA B 169 25.52 32.79 16.50
C ALA B 169 26.74 32.24 15.76
N ARG B 170 27.24 31.10 16.24
CA ARG B 170 28.37 30.46 15.58
C ARG B 170 27.96 29.87 14.23
N PHE B 171 26.81 29.20 14.18
CA PHE B 171 26.38 28.61 12.93
C PHE B 171 26.16 29.68 11.86
N GLU B 172 25.46 30.76 12.23
CA GLU B 172 25.14 31.77 11.22
C GLU B 172 26.36 32.58 10.83
N ALA B 173 27.30 32.77 11.76
CA ALA B 173 28.56 33.41 11.36
C ALA B 173 29.36 32.54 10.40
N TRP B 174 29.35 31.23 10.59
CA TRP B 174 30.07 30.33 9.70
C TRP B 174 29.42 30.30 8.31
N LEU B 175 28.09 30.18 8.30
CA LEU B 175 27.37 30.17 7.02
C LEU B 175 27.61 31.46 6.24
N LYS B 176 27.37 32.61 6.88
CA LYS B 176 27.51 33.87 6.12
C LYS B 176 28.97 34.14 5.80
N GLU B 177 29.87 33.70 6.66
CA GLU B 177 31.29 33.64 6.30
C GLU B 177 31.51 32.93 4.96
N ASN B 178 30.71 31.89 4.67
CA ASN B 178 30.81 31.19 3.41
C ASN B 178 29.74 31.61 2.42
N GLY B 179 29.19 32.82 2.56
CA GLY B 179 28.27 33.34 1.58
C GLY B 179 26.87 32.78 1.65
N ILE B 180 26.56 31.96 2.64
CA ILE B 180 25.23 31.37 2.78
C ILE B 180 24.47 32.15 3.83
N THR B 181 23.24 32.53 3.53
CA THR B 181 22.41 33.30 4.44
C THR B 181 21.24 32.50 4.98
N GLU B 182 21.07 31.25 4.56
CA GLU B 182 19.97 30.42 5.03
C GLU B 182 20.02 30.32 6.55
N HIS B 183 18.85 30.13 7.15
CA HIS B 183 18.81 29.86 8.58
C HIS B 183 19.57 28.56 8.87
N PRO B 184 20.31 28.49 9.98
CA PRO B 184 21.05 27.25 10.28
C PRO B 184 20.17 26.01 10.35
N ASP B 185 18.93 26.14 10.81
CA ASP B 185 18.08 24.97 10.95
C ASP B 185 17.57 24.48 9.60
N THR B 186 17.25 25.39 8.68
CA THR B 186 16.88 24.95 7.33
C THR B 186 18.08 24.39 6.61
N PHE B 187 19.23 25.04 6.76
CA PHE B 187 20.46 24.53 6.17
C PHE B 187 20.75 23.11 6.63
N ALA B 188 20.48 22.82 7.90
CA ALA B 188 20.81 21.52 8.46
C ALA B 188 19.76 20.48 8.13
N SER B 189 18.48 20.85 8.13
CA SER B 189 17.40 19.88 8.11
C SER B 189 16.63 19.81 6.80
N HIS B 190 16.92 20.65 5.81
CA HIS B 190 16.09 20.74 4.61
C HIS B 190 16.96 20.85 3.37
N PRO B 191 17.40 19.71 2.85
CA PRO B 191 18.24 19.73 1.65
C PRO B 191 17.41 20.07 0.42
N PRO B 192 18.04 20.59 -0.64
CA PRO B 192 17.30 20.79 -1.89
C PRO B 192 16.97 19.49 -2.61
N ARG B 193 17.81 18.45 -2.49
CA ARG B 193 17.50 17.17 -3.13
C ARG B 193 18.08 16.03 -2.31
N SER B 194 17.25 15.04 -2.02
CA SER B 194 17.62 13.96 -1.11
C SER B 194 17.07 12.62 -1.55
N LEU B 195 17.91 11.60 -1.47
CA LEU B 195 17.49 10.21 -1.61
C LEU B 195 17.45 9.58 -0.23
N VAL B 196 16.32 8.96 0.10
CA VAL B 196 16.07 8.45 1.44
C VAL B 196 16.30 6.94 1.41
N LEU B 197 17.29 6.48 2.17
CA LEU B 197 17.72 5.07 2.13
C LEU B 197 17.02 4.20 3.14
N ILE B 198 15.86 4.62 3.64
CA ILE B 198 15.13 3.82 4.62
C ILE B 198 13.79 3.48 3.98
N PRO B 199 13.15 2.39 4.44
CA PRO B 199 11.86 2.02 3.84
C PRO B 199 10.78 3.03 4.21
N LYS B 200 9.95 3.36 3.21
CA LYS B 200 8.80 4.24 3.44
C LYS B 200 8.01 3.78 4.65
N ALA B 201 7.91 2.46 4.84
CA ALA B 201 7.20 1.86 5.96
C ALA B 201 7.66 2.40 7.31
N LEU B 202 8.77 3.12 7.34
CA LEU B 202 9.29 3.59 8.62
C LEU B 202 9.48 5.10 8.62
N GLN B 203 9.01 5.80 7.60
CA GLN B 203 9.07 7.26 7.62
C GLN B 203 7.78 7.77 8.25
N PRO B 204 7.84 8.39 9.42
CA PRO B 204 6.63 8.98 9.99
C PRO B 204 6.07 10.01 9.02
N HIS B 205 4.76 9.95 8.82
CA HIS B 205 4.05 10.87 7.91
C HIS B 205 4.65 10.84 6.51
N ALA B 206 5.01 9.63 6.04
CA ALA B 206 5.54 9.49 4.69
C ALA B 206 4.61 10.09 3.64
N ASP B 207 3.29 10.04 3.89
CA ASP B 207 2.32 10.68 3.00
C ASP B 207 2.58 12.17 2.81
N ARG B 208 3.23 12.83 3.78
CA ARG B 208 3.44 14.27 3.71
C ARG B 208 4.88 14.66 3.41
N VAL B 209 5.67 13.76 2.86
CA VAL B 209 7.06 14.06 2.52
C VAL B 209 7.11 14.61 1.10
N ASP B 210 7.65 15.82 0.94
CA ASP B 210 7.77 16.49 -0.35
C ASP B 210 8.51 15.62 -1.37
N GLU B 211 7.81 15.13 -2.39
CA GLU B 211 8.38 14.25 -3.39
C GLU B 211 9.22 14.98 -4.43
N ASP B 212 9.14 16.31 -4.48
CA ASP B 212 10.03 17.08 -5.33
C ASP B 212 11.43 17.19 -4.75
N VAL B 213 11.56 17.01 -3.44
CA VAL B 213 12.84 17.00 -2.75
C VAL B 213 13.33 15.59 -2.51
N TYR B 214 12.49 14.75 -1.89
CA TYR B 214 12.88 13.44 -1.40
C TYR B 214 12.38 12.34 -2.32
N THR B 215 13.22 11.34 -2.54
CA THR B 215 12.85 10.12 -3.24
C THR B 215 13.33 8.94 -2.42
N PHE B 216 12.38 8.12 -1.95
CA PHE B 216 12.74 6.90 -1.23
C PHE B 216 13.28 5.87 -2.20
N VAL B 217 14.44 5.30 -1.87
CA VAL B 217 14.97 4.16 -2.60
C VAL B 217 15.13 2.94 -1.71
N GLY B 218 14.83 3.06 -0.41
CA GLY B 218 14.83 1.93 0.51
C GLY B 218 16.16 1.22 0.65
N ALA B 219 16.12 -0.11 0.54
CA ALA B 219 17.29 -0.96 0.75
C ALA B 219 18.24 -0.89 -0.44
N CYS B 220 19.46 -1.33 -0.19
CA CYS B 220 20.43 -1.51 -1.26
C CYS B 220 21.49 -2.56 -0.94
N GLN B 221 21.32 -3.43 0.06
CA GLN B 221 22.46 -4.15 0.60
C GLN B 221 22.77 -5.44 -0.12
N GLY B 222 24.06 -5.61 -0.41
CA GLY B 222 24.60 -6.85 -0.93
C GLY B 222 25.64 -7.30 0.08
N ASP B 223 26.10 -8.54 -0.09
CA ASP B 223 27.13 -9.05 0.80
C ASP B 223 28.31 -8.09 0.90
N ARG B 224 28.60 -7.66 2.12
CA ARG B 224 29.85 -6.97 2.44
C ARG B 224 30.92 -8.03 2.63
N ALA B 225 31.39 -8.56 1.50
CA ALA B 225 32.34 -9.67 1.54
C ALA B 225 33.62 -9.28 2.25
N GLU B 226 34.02 -8.01 2.17
CA GLU B 226 35.20 -7.55 2.90
C GLU B 226 35.11 -7.81 4.39
N GLU B 227 33.90 -7.88 4.95
CA GLU B 227 33.73 -8.18 6.36
C GLU B 227 33.86 -9.66 6.67
N GLY B 228 33.84 -10.53 5.66
CA GLY B 228 33.93 -11.95 5.90
C GLY B 228 32.57 -12.56 6.24
N GLY B 229 32.61 -13.84 6.59
CA GLY B 229 31.42 -14.61 6.83
C GLY B 229 31.38 -15.20 8.23
N TRP B 230 30.25 -15.83 8.53
CA TRP B 230 30.05 -16.52 9.79
C TRP B 230 29.42 -17.87 9.49
N GLN B 231 29.99 -18.95 10.04
CA GLN B 231 29.51 -20.29 9.77
C GLN B 231 28.58 -20.72 10.88
N ARG B 232 27.39 -21.17 10.49
CA ARG B 232 26.43 -21.69 11.45
C ARG B 232 27.00 -22.96 12.07
N PRO B 233 27.17 -23.03 13.38
CA PRO B 233 27.71 -24.25 13.99
C PRO B 233 26.71 -25.38 13.92
N ALA B 234 27.24 -26.60 14.02
CA ALA B 234 26.39 -27.78 13.91
C ALA B 234 25.32 -27.79 14.98
N GLY B 235 24.11 -28.18 14.59
CA GLY B 235 22.98 -28.21 15.49
C GLY B 235 22.30 -26.87 15.72
N ALA B 236 22.92 -25.75 15.34
CA ALA B 236 22.33 -24.45 15.61
C ALA B 236 21.12 -24.19 14.74
N GLU B 237 19.94 -24.61 15.22
CA GLU B 237 18.72 -24.42 14.45
C GLU B 237 18.22 -22.98 14.50
N LYS B 238 18.28 -22.36 15.67
CA LYS B 238 17.77 -21.01 15.87
C LYS B 238 18.94 -20.14 16.32
N VAL B 239 19.43 -19.29 15.43
CA VAL B 239 20.48 -18.35 15.79
C VAL B 239 19.85 -17.02 16.16
N VAL B 240 20.25 -16.52 17.32
CA VAL B 240 19.87 -15.18 17.75
C VAL B 240 21.14 -14.36 17.86
N LEU B 241 21.10 -13.17 17.28
CA LEU B 241 22.20 -12.22 17.36
C LEU B 241 21.80 -11.16 18.36
N VAL B 242 22.68 -10.85 19.31
CA VAL B 242 22.52 -9.71 20.19
C VAL B 242 23.58 -8.68 19.81
N SER B 243 23.14 -7.47 19.52
CA SER B 243 24.07 -6.39 19.20
C SER B 243 23.40 -5.06 19.48
N LEU B 244 24.09 -4.20 20.25
CA LEU B 244 23.63 -2.84 20.48
C LEU B 244 24.26 -1.84 19.53
N GLY B 245 24.91 -2.30 18.46
CA GLY B 245 25.45 -1.42 17.44
C GLY B 245 26.93 -1.15 17.63
N SER B 246 27.38 0.01 17.13
CA SER B 246 28.76 0.47 17.29
C SER B 246 28.97 1.44 18.45
N ALA B 247 28.02 2.34 18.73
CA ALA B 247 28.25 3.40 19.72
C ALA B 247 27.88 3.00 21.16
N PHE B 248 26.58 2.75 21.41
CA PHE B 248 26.06 2.64 22.78
C PHE B 248 26.04 1.17 23.24
N THR B 249 27.22 0.67 23.62
CA THR B 249 27.41 -0.76 23.81
C THR B 249 27.84 -1.18 25.22
N LYS B 250 27.93 -0.27 26.17
CA LYS B 250 28.53 -0.59 27.47
C LYS B 250 27.42 -0.99 28.45
N GLN B 251 26.92 -2.21 28.27
CA GLN B 251 25.80 -2.73 29.06
C GLN B 251 26.07 -4.16 29.54
N PRO B 252 27.08 -4.35 30.38
CA PRO B 252 27.47 -5.72 30.78
C PRO B 252 26.36 -6.52 31.48
N ALA B 253 25.55 -5.87 32.30
CA ALA B 253 24.47 -6.59 32.98
C ALA B 253 23.46 -7.14 31.98
N PHE B 254 23.13 -6.35 30.96
CA PHE B 254 22.23 -6.81 29.91
C PHE B 254 22.79 -8.02 29.19
N TYR B 255 24.08 -7.96 28.82
CA TYR B 255 24.70 -9.08 28.13
C TYR B 255 24.67 -10.35 28.98
N ARG B 256 24.92 -10.22 30.29
CA ARG B 256 24.81 -11.39 31.17
C ARG B 256 23.38 -11.94 31.18
N GLU B 257 22.38 -11.06 31.17
CA GLU B 257 21.01 -11.54 31.04
C GLU B 257 20.79 -12.27 29.72
N CYS B 258 21.50 -11.86 28.65
CA CYS B 258 21.37 -12.56 27.38
C CYS B 258 21.93 -13.97 27.47
N VAL B 259 23.16 -14.11 28.00
CA VAL B 259 23.78 -15.42 28.16
C VAL B 259 22.88 -16.34 28.97
N ARG B 260 22.23 -15.77 29.98
CA ARG B 260 21.44 -16.53 30.93
C ARG B 260 20.06 -16.86 30.39
N ALA B 261 19.63 -16.07 29.41
CA ALA B 261 18.40 -16.33 28.67
C ALA B 261 18.56 -17.44 27.64
N PHE B 262 19.72 -17.53 26.98
CA PHE B 262 19.86 -18.48 25.87
C PHE B 262 20.86 -19.58 26.11
N GLY B 263 21.66 -19.51 27.17
CA GLY B 263 22.63 -20.56 27.43
C GLY B 263 21.98 -21.91 27.61
N ASN B 264 22.57 -22.93 26.97
CA ASN B 264 22.14 -24.32 27.07
C ASN B 264 20.71 -24.54 26.60
N LEU B 265 20.10 -23.54 25.97
CA LEU B 265 18.75 -23.74 25.44
C LEU B 265 18.86 -24.68 24.24
N PRO B 266 18.24 -25.86 24.28
CA PRO B 266 18.44 -26.84 23.21
C PRO B 266 18.00 -26.27 21.86
N GLY B 267 18.87 -26.40 20.88
CA GLY B 267 18.61 -25.96 19.53
C GLY B 267 18.92 -24.51 19.24
N TRP B 268 19.11 -23.68 20.28
CA TRP B 268 19.42 -22.28 20.08
C TRP B 268 20.91 -22.02 20.19
N HIS B 269 21.38 -21.07 19.38
CA HIS B 269 22.75 -20.61 19.41
C HIS B 269 22.78 -19.09 19.41
N LEU B 270 23.60 -18.52 20.29
CA LEU B 270 23.58 -17.08 20.55
C LEU B 270 24.92 -16.48 20.14
N VAL B 271 24.86 -15.48 19.29
CA VAL B 271 26.02 -14.67 18.92
C VAL B 271 25.92 -13.36 19.67
N LEU B 272 26.83 -13.12 20.59
CA LEU B 272 26.74 -12.01 21.53
C LEU B 272 27.84 -11.02 21.18
N GLN B 273 27.43 -9.90 20.59
CA GLN B 273 28.34 -8.84 20.17
C GLN B 273 28.33 -7.78 21.26
N ILE B 274 29.45 -7.64 21.97
CA ILE B 274 29.48 -6.85 23.20
C ILE B 274 30.12 -5.48 23.02
N GLY B 275 30.57 -5.14 21.82
CA GLY B 275 31.24 -3.86 21.65
C GLY B 275 32.65 -3.93 22.22
N ARG B 276 33.33 -2.79 22.21
CA ARG B 276 34.73 -2.72 22.60
C ARG B 276 34.91 -1.92 23.89
N LYS B 277 33.82 -1.65 24.62
CA LYS B 277 33.88 -1.11 25.97
C LYS B 277 33.41 -2.12 27.02
N VAL B 278 33.29 -3.39 26.66
CA VAL B 278 33.01 -4.48 27.59
C VAL B 278 33.94 -5.62 27.22
N THR B 279 34.57 -6.21 28.19
CA THR B 279 35.43 -7.35 27.91
C THR B 279 34.66 -8.63 28.10
N PRO B 280 35.04 -9.69 27.37
CA PRO B 280 34.40 -11.01 27.60
C PRO B 280 34.43 -11.45 29.06
N ALA B 281 35.52 -11.14 29.79
CA ALA B 281 35.65 -11.55 31.18
C ALA B 281 34.48 -11.09 32.04
N GLU B 282 33.88 -9.94 31.71
CA GLU B 282 32.77 -9.40 32.49
C GLU B 282 31.52 -10.29 32.45
N LEU B 283 31.56 -11.39 31.71
CA LEU B 283 30.37 -12.22 31.51
C LEU B 283 30.42 -13.59 32.17
N GLY B 284 31.57 -14.01 32.70
CA GLY B 284 31.65 -15.29 33.37
C GLY B 284 31.77 -16.42 32.37
N GLU B 285 31.80 -17.66 32.90
CA GLU B 285 31.85 -18.81 32.00
C GLU B 285 30.63 -18.85 31.10
N LEU B 286 30.86 -19.10 29.84
CA LEU B 286 29.75 -19.13 28.92
C LEU B 286 29.48 -20.55 28.45
N PRO B 287 28.21 -20.92 28.32
CA PRO B 287 27.86 -22.28 27.90
C PRO B 287 28.30 -22.53 26.47
N PRO B 288 28.32 -23.79 26.03
CA PRO B 288 28.89 -24.08 24.71
C PRO B 288 28.15 -23.44 23.55
N ASN B 289 26.86 -23.12 23.71
CA ASN B 289 26.06 -22.58 22.62
C ASN B 289 26.04 -21.05 22.62
N VAL B 290 27.03 -20.41 23.21
CA VAL B 290 27.10 -18.96 23.26
C VAL B 290 28.50 -18.55 22.86
N GLU B 291 28.60 -17.70 21.84
CA GLU B 291 29.89 -17.14 21.46
C GLU B 291 29.82 -15.63 21.59
N VAL B 292 30.95 -15.02 21.91
CA VAL B 292 31.01 -13.59 22.19
C VAL B 292 32.09 -12.97 21.32
N HIS B 293 31.79 -11.81 20.76
CA HIS B 293 32.76 -11.05 19.98
C HIS B 293 32.59 -9.57 20.30
N GLN B 294 33.62 -8.81 19.99
CA GLN B 294 33.55 -7.37 20.09
C GLN B 294 33.17 -6.74 18.76
N TRP B 295 33.09 -7.53 17.70
CA TRP B 295 32.66 -7.08 16.39
C TRP B 295 32.29 -8.32 15.58
N VAL B 296 31.18 -8.24 14.84
CA VAL B 296 30.70 -9.40 14.07
C VAL B 296 30.45 -8.95 12.63
N PRO B 297 30.49 -9.89 11.68
CA PRO B 297 29.92 -9.62 10.36
C PRO B 297 28.40 -9.60 10.41
N GLN B 298 27.84 -8.46 10.85
CA GLN B 298 26.44 -8.44 11.26
C GLN B 298 25.50 -8.81 10.13
N LEU B 299 25.73 -8.28 8.94
CA LEU B 299 24.78 -8.50 7.86
C LEU B 299 24.77 -9.96 7.43
N ASP B 300 25.95 -10.61 7.42
CA ASP B 300 26.02 -12.02 7.10
C ASP B 300 25.30 -12.87 8.13
N ILE B 301 25.39 -12.48 9.41
CA ILE B 301 24.68 -13.22 10.45
C ILE B 301 23.19 -12.97 10.35
N LEU B 302 22.78 -11.78 9.91
CA LEU B 302 21.37 -11.50 9.75
C LEU B 302 20.79 -12.25 8.56
N THR B 303 21.64 -12.78 7.69
CA THR B 303 21.18 -13.69 6.65
C THR B 303 20.76 -15.04 7.21
N LYS B 304 21.28 -15.41 8.38
CA LYS B 304 21.04 -16.73 8.96
C LYS B 304 20.32 -16.68 10.30
N ALA B 305 20.18 -15.51 10.91
CA ALA B 305 19.61 -15.44 12.25
C ALA B 305 18.11 -15.71 12.20
N SER B 306 17.61 -16.36 13.25
CA SER B 306 16.18 -16.45 13.48
C SER B 306 15.68 -15.33 14.40
N ALA B 307 16.56 -14.65 15.11
CA ALA B 307 16.09 -13.55 15.95
C ALA B 307 17.21 -12.55 16.18
N PHE B 308 16.81 -11.28 16.34
CA PHE B 308 17.76 -10.17 16.46
C PHE B 308 17.38 -9.30 17.65
N ILE B 309 18.23 -9.29 18.67
CA ILE B 309 18.10 -8.41 19.82
C ILE B 309 18.97 -7.19 19.54
N THR B 310 18.32 -6.05 19.31
CA THR B 310 18.92 -4.89 18.70
C THR B 310 18.65 -3.62 19.50
N HIS B 311 19.59 -2.67 19.43
CA HIS B 311 19.32 -1.35 19.97
C HIS B 311 18.38 -0.54 19.08
N ALA B 312 18.01 -1.08 17.91
CA ALA B 312 17.07 -0.45 16.96
C ALA B 312 17.67 0.77 16.27
N GLY B 313 18.99 0.84 16.15
CA GLY B 313 19.60 1.78 15.23
C GLY B 313 19.09 1.58 13.81
N MET B 314 19.09 2.68 13.04
CA MET B 314 18.55 2.65 11.68
C MET B 314 19.21 1.61 10.79
N GLY B 315 20.55 1.52 10.83
CA GLY B 315 21.22 0.61 9.92
C GLY B 315 20.91 -0.83 10.24
N SER B 316 20.99 -1.18 11.53
CA SER B 316 20.70 -2.54 11.94
C SER B 316 19.25 -2.89 11.64
N THR B 317 18.33 -1.96 11.89
CA THR B 317 16.92 -2.22 11.62
C THR B 317 16.71 -2.48 10.15
N MET B 318 17.31 -1.65 9.30
CA MET B 318 17.23 -1.83 7.85
C MET B 318 17.70 -3.23 7.46
N GLU B 319 18.83 -3.68 8.03
CA GLU B 319 19.37 -4.98 7.65
C GLU B 319 18.45 -6.12 8.12
N ALA B 320 17.87 -5.98 9.31
CA ALA B 320 16.99 -7.02 9.84
C ALA B 320 15.73 -7.13 9.00
N LEU B 321 15.09 -6.00 8.74
CA LEU B 321 13.92 -5.99 7.86
C LEU B 321 14.25 -6.55 6.48
N SER B 322 15.44 -6.25 5.96
CA SER B 322 15.82 -6.82 4.66
C SER B 322 15.86 -8.34 4.73
N ASN B 323 16.22 -8.90 5.89
CA ASN B 323 16.24 -10.36 5.99
C ASN B 323 15.01 -10.95 6.68
N ALA B 324 14.01 -10.14 7.01
CA ALA B 324 12.79 -10.62 7.67
C ALA B 324 13.10 -11.33 8.99
N VAL B 325 13.94 -10.73 9.81
CA VAL B 325 14.31 -11.28 11.11
C VAL B 325 13.51 -10.56 12.20
N PRO B 326 12.73 -11.28 12.99
CA PRO B 326 12.03 -10.62 14.09
C PRO B 326 13.04 -10.06 15.10
N MET B 327 12.63 -8.98 15.76
CA MET B 327 13.53 -8.25 16.64
C MET B 327 12.97 -8.11 18.05
N ILE B 328 13.89 -8.10 19.01
CA ILE B 328 13.64 -7.56 20.34
C ILE B 328 14.43 -6.26 20.42
N ALA B 329 13.71 -5.14 20.45
CA ALA B 329 14.33 -3.81 20.40
C ALA B 329 14.58 -3.29 21.81
N VAL B 330 15.85 -3.06 22.14
CA VAL B 330 16.24 -2.50 23.43
C VAL B 330 16.92 -1.15 23.18
N PRO B 331 16.15 -0.08 22.95
CA PRO B 331 16.75 1.19 22.52
C PRO B 331 17.59 1.82 23.61
N GLN B 332 18.77 2.31 23.24
CA GLN B 332 19.71 2.88 24.20
C GLN B 332 19.68 4.40 24.29
N ALA B 333 19.50 5.11 23.18
CA ALA B 333 19.66 6.55 23.20
C ALA B 333 19.04 7.16 21.94
N VAL B 334 18.95 8.49 21.95
CA VAL B 334 18.49 9.37 20.87
C VAL B 334 17.32 8.78 20.08
N ASP B 335 17.52 8.61 18.77
CA ASP B 335 16.45 8.23 17.84
C ASP B 335 15.95 6.81 18.02
N GLN B 336 16.69 5.98 18.76
CA GLN B 336 16.35 4.56 18.84
C GLN B 336 14.98 4.32 19.45
N PHE B 337 14.61 5.10 20.48
CA PHE B 337 13.30 4.95 21.11
C PHE B 337 12.16 5.08 20.11
N GLY B 338 12.19 6.14 19.28
CA GLY B 338 11.18 6.27 18.24
C GLY B 338 11.18 5.08 17.31
N ASN B 339 12.36 4.51 17.05
CA ASN B 339 12.44 3.36 16.15
C ASN B 339 11.81 2.13 16.77
N ALA B 340 12.14 1.85 18.03
CA ALA B 340 11.52 0.75 18.74
C ALA B 340 10.00 0.91 18.74
N ASP B 341 9.51 2.12 18.98
CA ASP B 341 8.08 2.36 18.98
C ASP B 341 7.48 2.06 17.61
N MET B 342 8.16 2.47 16.54
CA MET B 342 7.66 2.17 15.20
C MET B 342 7.67 0.66 14.93
N LEU B 343 8.79 0.00 15.22
CA LEU B 343 8.92 -1.43 14.99
C LEU B 343 7.83 -2.21 15.71
N GLN B 344 7.58 -1.87 16.97
CA GLN B 344 6.51 -2.56 17.69
C GLN B 344 5.15 -2.19 17.12
N GLY B 345 4.95 -0.92 16.78
CA GLY B 345 3.71 -0.49 16.15
C GLY B 345 3.41 -1.21 14.86
N LEU B 346 4.42 -1.71 14.17
CA LEU B 346 4.23 -2.51 12.96
C LEU B 346 4.20 -3.99 13.26
N GLY B 347 4.28 -4.35 14.54
CA GLY B 347 4.19 -5.74 14.91
C GLY B 347 5.32 -6.62 14.45
N VAL B 348 6.50 -6.05 14.24
CA VAL B 348 7.65 -6.87 13.89
C VAL B 348 8.67 -6.93 15.00
N ALA B 349 8.39 -6.29 16.14
CA ALA B 349 9.31 -6.31 17.26
C ALA B 349 8.56 -6.07 18.56
N ARG B 350 9.19 -6.46 19.66
CA ARG B 350 8.74 -6.15 21.00
C ARG B 350 9.78 -5.21 21.61
N LYS B 351 9.34 -4.05 22.08
CA LYS B 351 10.26 -3.09 22.69
C LYS B 351 10.39 -3.37 24.18
N LEU B 352 11.62 -3.47 24.66
CA LEU B 352 11.92 -3.63 26.07
C LEU B 352 12.91 -2.55 26.50
N ALA B 353 12.70 -2.04 27.70
CA ALA B 353 13.73 -1.22 28.33
C ALA B 353 14.85 -2.13 28.86
N THR B 354 16.06 -1.58 28.89
CA THR B 354 17.22 -2.39 29.26
C THR B 354 17.06 -3.01 30.64
N GLU B 355 16.48 -2.27 31.59
CA GLU B 355 16.29 -2.77 32.94
C GLU B 355 15.36 -3.98 32.97
N GLU B 356 14.22 -3.90 32.27
CA GLU B 356 13.27 -5.00 32.31
C GLU B 356 13.69 -6.19 31.46
N ALA B 357 14.78 -6.07 30.69
CA ALA B 357 15.23 -7.17 29.81
C ALA B 357 15.97 -8.19 30.66
N THR B 358 15.20 -8.99 31.39
CA THR B 358 15.72 -10.07 32.21
C THR B 358 15.73 -11.37 31.41
N ALA B 359 16.52 -12.33 31.91
CA ALA B 359 16.74 -13.58 31.17
C ALA B 359 15.43 -14.26 30.80
N ASP B 360 14.52 -14.40 31.77
CA ASP B 360 13.27 -15.11 31.50
C ASP B 360 12.45 -14.38 30.45
N LEU B 361 12.39 -13.05 30.53
CA LEU B 361 11.54 -12.31 29.60
C LEU B 361 12.18 -12.22 28.21
N LEU B 362 13.51 -12.16 28.14
CA LEU B 362 14.18 -12.26 26.85
C LEU B 362 13.90 -13.60 26.18
N ARG B 363 14.09 -14.69 26.94
CA ARG B 363 13.88 -16.02 26.38
C ARG B 363 12.44 -16.21 25.94
N GLU B 364 11.48 -15.76 26.75
CA GLU B 364 10.08 -15.98 26.40
C GLU B 364 9.66 -15.11 25.22
N THR B 365 10.17 -13.88 25.15
CA THR B 365 9.85 -13.03 24.00
C THR B 365 10.44 -13.57 22.71
N ALA B 366 11.67 -14.08 22.77
CA ALA B 366 12.29 -14.66 21.58
C ALA B 366 11.52 -15.88 21.10
N LEU B 367 11.31 -16.85 22.01
CA LEU B 367 10.54 -18.04 21.66
C LEU B 367 9.19 -17.68 21.06
N ALA B 368 8.52 -16.68 21.64
CA ALA B 368 7.24 -16.24 21.10
C ALA B 368 7.39 -15.67 19.68
N LEU B 369 8.37 -14.78 19.50
CA LEU B 369 8.49 -14.07 18.22
C LEU B 369 8.86 -15.01 17.09
N VAL B 370 9.71 -16.00 17.36
CA VAL B 370 10.21 -16.84 16.29
C VAL B 370 9.13 -17.78 15.73
N ASP B 371 8.08 -18.06 16.51
CA ASP B 371 7.03 -18.97 16.07
C ASP B 371 5.74 -18.27 15.68
N ASP B 372 5.65 -16.96 15.86
CA ASP B 372 4.46 -16.17 15.59
C ASP B 372 4.26 -16.01 14.09
N PRO B 373 3.27 -16.66 13.46
CA PRO B 373 3.13 -16.55 12.00
C PRO B 373 2.77 -15.14 11.56
N GLU B 374 2.19 -14.33 12.45
CA GLU B 374 1.78 -12.99 12.06
C GLU B 374 2.95 -11.99 12.07
N VAL B 375 3.92 -12.12 13.00
CA VAL B 375 5.12 -11.28 12.90
C VAL B 375 5.87 -11.63 11.63
N ALA B 376 5.84 -12.92 11.25
CA ALA B 376 6.51 -13.34 10.03
C ALA B 376 5.84 -12.78 8.79
N ARG B 377 4.50 -12.66 8.80
CA ARG B 377 3.84 -12.17 7.61
C ARG B 377 3.93 -10.65 7.48
N ARG B 378 3.88 -9.95 8.62
CA ARG B 378 4.16 -8.51 8.64
C ARG B 378 5.60 -8.22 8.24
N LEU B 379 6.54 -9.12 8.61
CA LEU B 379 7.93 -8.95 8.19
C LEU B 379 8.07 -9.19 6.69
N ARG B 380 7.41 -10.21 6.16
CA ARG B 380 7.51 -10.45 4.72
C ARG B 380 6.88 -9.32 3.92
N ARG B 381 5.83 -8.69 4.45
CA ARG B 381 5.25 -7.58 3.71
C ARG B 381 6.21 -6.39 3.69
N ILE B 382 6.79 -6.04 4.85
CA ILE B 382 7.76 -4.94 4.83
C ILE B 382 8.92 -5.25 3.88
N GLN B 383 9.39 -6.50 3.89
CA GLN B 383 10.51 -6.89 3.06
C GLN B 383 10.17 -6.74 1.57
N ALA B 384 8.93 -7.09 1.19
CA ALA B 384 8.50 -6.93 -0.20
C ALA B 384 8.40 -5.46 -0.58
N GLU B 385 7.89 -4.63 0.34
CA GLU B 385 7.84 -3.18 0.06
C GLU B 385 9.24 -2.63 -0.17
N MET B 386 10.23 -3.03 0.62
CA MET B 386 11.56 -2.52 0.35
C MET B 386 12.09 -3.04 -0.99
N ALA B 387 11.78 -4.30 -1.33
CA ALA B 387 12.19 -4.80 -2.63
C ALA B 387 11.55 -4.05 -3.79
N GLN B 388 10.40 -3.41 -3.56
CA GLN B 388 9.60 -2.85 -4.64
C GLN B 388 9.82 -1.36 -4.83
N GLU B 389 10.40 -0.70 -3.83
CA GLU B 389 11.01 0.59 -4.08
C GLU B 389 12.33 0.28 -4.78
N GLY B 390 12.84 1.25 -5.56
CA GLY B 390 13.98 0.91 -6.41
C GLY B 390 15.10 0.20 -5.68
N GLY B 391 15.87 -0.63 -6.37
CA GLY B 391 16.98 -1.29 -5.72
C GLY B 391 18.38 -1.06 -6.26
N THR B 392 19.08 -0.09 -5.67
CA THR B 392 20.48 0.26 -5.95
C THR B 392 20.70 0.69 -7.39
N ARG B 393 20.07 0.00 -8.35
CA ARG B 393 20.20 0.45 -9.72
C ARG B 393 19.28 1.63 -9.98
N ARG B 394 18.25 1.77 -9.16
CA ARG B 394 17.40 2.97 -9.23
C ARG B 394 18.02 4.15 -8.50
N ALA B 395 18.68 3.90 -7.37
CA ALA B 395 19.38 4.98 -6.69
C ALA B 395 20.47 5.57 -7.58
N ALA B 396 21.24 4.69 -8.23
CA ALA B 396 22.25 5.15 -9.18
C ALA B 396 21.62 5.91 -10.34
N ASP B 397 20.41 5.52 -10.75
CA ASP B 397 19.74 6.21 -11.84
C ASP B 397 19.29 7.61 -11.43
N LEU B 398 18.71 7.74 -10.23
CA LEU B 398 18.29 9.05 -9.76
C LEU B 398 19.50 9.96 -9.56
N ILE B 399 20.61 9.39 -9.09
CA ILE B 399 21.83 10.18 -8.94
C ILE B 399 22.36 10.62 -10.30
N GLU B 400 22.48 9.67 -11.23
CA GLU B 400 22.91 10.01 -12.59
C GLU B 400 21.97 11.05 -13.20
N ALA B 401 20.68 10.96 -12.91
CA ALA B 401 19.71 11.93 -13.39
C ALA B 401 20.00 13.32 -12.83
N GLU B 402 20.57 13.39 -11.63
CA GLU B 402 20.93 14.71 -11.13
C GLU B 402 22.23 15.26 -11.73
N LEU B 403 22.93 14.48 -12.57
CA LEU B 403 24.13 14.98 -13.22
C LEU B 403 23.78 16.03 -14.27
N PRO B 404 24.54 17.12 -14.35
CA PRO B 404 24.22 18.16 -15.32
C PRO B 404 24.86 17.90 -16.67
N ALA B 405 24.63 18.80 -17.64
CA ALA B 405 25.21 18.66 -18.97
C ALA B 405 26.18 19.81 -19.24
N1 UPG C . -32.13 -4.76 -12.28
C2 UPG C . -33.45 -4.68 -11.76
N3 UPG C . -34.57 -4.82 -12.63
C4 UPG C . -34.40 -5.01 -14.02
C5 UPG C . -33.02 -5.06 -14.53
C6 UPG C . -31.96 -4.95 -13.65
O2 UPG C . -33.64 -4.51 -10.56
O4 UPG C . -35.41 -5.11 -14.72
C1C UPG C . -30.95 -4.61 -11.26
C2C UPG C . -30.20 -5.93 -10.93
O2C UPG C . -30.83 -6.57 -9.87
C3C UPG C . -28.82 -5.41 -10.46
C4C UPG C . -28.67 -4.12 -11.25
O4C UPG C . -29.96 -3.83 -11.83
O3C UPG C . -28.73 -5.04 -9.11
C5C UPG C . -27.58 -4.32 -12.34
O5C UPG C . -26.80 -5.36 -12.02
PA UPG C . -25.42 -5.70 -13.07
O1A UPG C . -26.03 -6.78 -13.86
O2A UPG C . -24.25 -6.01 -12.21
O3A UPG C . -25.26 -4.35 -13.95
PB UPG C . -25.42 -4.17 -15.56
O1B UPG C . -26.53 -3.28 -15.97
O2B UPG C . -25.34 -5.54 -16.13
O3B UPG C . -23.89 -3.52 -16.34
C1' UPG C . -23.28 -2.31 -16.24
C2' UPG C . -23.07 -1.84 -17.70
C3' UPG C . -22.54 -0.41 -17.57
C4' UPG C . -21.04 -0.53 -17.18
C5' UPG C . -20.94 -1.39 -15.85
C6' UPG C . -20.70 -0.39 -14.70
O2' UPG C . -22.11 -2.66 -18.27
O3' UPG C . -23.27 0.18 -16.52
O4' UPG C . -20.29 -1.11 -18.22
O5' UPG C . -21.97 -2.35 -15.60
O6' UPG C . -20.39 0.89 -15.20
N1 UPG D . 27.83 -3.52 12.68
C2 UPG D . 28.69 -4.58 12.28
N3 UPG D . 29.31 -5.43 13.28
C4 UPG D . 29.08 -5.21 14.66
C5 UPG D . 28.19 -4.10 15.03
C6 UPG D . 27.61 -3.32 14.06
O2 UPG D . 28.91 -4.77 11.09
O4 UPG D . 29.64 -5.97 15.48
C1C UPG D . 27.17 -2.63 11.55
C2C UPG D . 25.64 -2.85 11.33
O2C UPG D . 25.45 -3.77 10.29
C3C UPG D . 25.15 -1.44 10.89
C4C UPG D . 26.11 -0.53 11.62
O4C UPG D . 27.29 -1.29 11.94
O3C UPG D . 25.28 -1.13 9.54
C5C UPG D . 25.41 0.03 12.90
O5C UPG D . 24.81 1.19 12.60
PA UPG D . 23.20 1.61 13.30
O1A UPG D . 22.56 0.28 13.16
O2A UPG D . 22.70 2.78 12.54
O3A UPG D . 23.44 1.92 14.87
PB UPG D . 24.69 2.76 15.53
O1B UPG D . 26.01 2.17 15.23
O2B UPG D . 24.31 3.01 16.95
O3B UPG D . 24.81 4.50 14.80
C1' UPG D . 25.53 5.60 15.23
C2' UPG D . 25.37 5.91 16.78
C3' UPG D . 26.15 7.23 17.01
C4' UPG D . 25.30 8.42 16.49
C5' UPG D . 24.76 8.07 15.03
C6' UPG D . 24.92 9.37 14.16
O2' UPG D . 24.04 6.05 17.17
O3' UPG D . 27.31 7.14 16.24
O4' UPG D . 24.23 8.67 17.36
O5' UPG D . 25.28 6.86 14.45
O6' UPG D . 23.70 10.09 14.02
#